data_9HKU
#
_entry.id   9HKU
#
_cell.length_a   85.622
_cell.length_b   139.928
_cell.length_c   154.571
_cell.angle_alpha   90
_cell.angle_beta   90
_cell.angle_gamma   90
#
_symmetry.space_group_name_H-M   'P 21 21 2'
#
loop_
_entity.id
_entity.type
_entity.pdbx_description
1 polymer 'histone acetyltransferase'
2 non-polymer 'ZINC ION'
3 non-polymer 'ACETYL COENZYME *A'
4 water water
#
_entity_poly.entity_id   1
_entity_poly.type   'polypeptide(L)'
_entity_poly.pdbx_seq_one_letter_code
;HHHHHHDYDIPTTENLYFQGAMGSSQPRKKIFKPEELRQALMPTLEALYRQDPESLPFRQPVDPQLLGIPDYFDIVKNPM
DLSTIKRKLDTGQYQEPWQYVDDVWLMFNNAWLYNRKTSRVYKFCSKLAEVFEQEIDPVMQSLGYCCGRKYEFSPQTLCC
YGKQLCTIPRDAAYYSYQNRYHFCEKCFTEIQGENVTLGDDPSQPQTTISKDQFEKKKNDTLDPEPFVDCKECGRKMHQI
CVLHYDIIWPSGFVCDNCLKKTGRPRKENKFSAKRLQTTRLGNHLEDRVNKFLRRQNHPEAGEVFVRVVASSDKTVEVKP
GMKSRFVDSGEMSESFPYRTKALFAFEEIDGVDVCFFGMHVQEYGSDCPPPNTRRVYISYLDSIHFFRPRCLRTAVYHEI
LIGYLEYVKKLGYVTGHIWACPPSEGDDYIFHCHPPDQKIPKPKRLQEWFKKMLDKAFAERIINDYKDIFKQANEDRLTS
AKELPYFEGDFWPNVLEESIKESGGSGSQKLYATMEKHKEVFFVIHLHAGPVISTQPPIVDPDPLLSCDLMDGRDAFLTL
ARDKHWEFSSLRRSKWSTLCMLVELHTQGQDRFVYTCNECKHHVETRWHCTVCEDYDLCINCYNTKSHTHKMVKWGLGLD
;
_entity_poly.pdbx_strand_id   A,B
#
# COMPACT_ATOMS: atom_id res chain seq x y z
N MET A 22 -13.41 51.89 -16.29
CA MET A 22 -13.26 50.51 -15.83
C MET A 22 -11.78 50.08 -15.77
N GLY A 23 -10.88 51.03 -15.49
CA GLY A 23 -9.43 50.85 -15.46
C GLY A 23 -8.78 50.01 -14.37
N SER A 24 -7.41 49.96 -14.42
CA SER A 24 -6.49 49.26 -13.50
C SER A 24 -5.02 49.38 -13.95
N SER A 25 -4.07 49.28 -13.00
CA SER A 25 -2.64 49.40 -13.30
C SER A 25 -1.82 48.18 -12.90
N GLN A 26 -0.95 47.72 -13.80
CA GLN A 26 -0.04 46.60 -13.53
C GLN A 26 1.36 47.11 -13.84
N PRO A 27 2.15 47.41 -12.79
CA PRO A 27 3.47 48.05 -13.01
C PRO A 27 4.55 47.24 -13.74
N ARG A 28 4.78 45.96 -13.37
CA ARG A 28 5.82 45.15 -14.00
C ARG A 28 5.25 43.89 -14.68
N LYS A 29 4.12 44.03 -15.40
CA LYS A 29 3.45 42.92 -16.07
C LYS A 29 4.33 42.14 -17.03
N LYS A 30 4.60 40.88 -16.67
CA LYS A 30 5.36 40.00 -17.53
C LYS A 30 4.49 39.65 -18.73
N ILE A 31 5.02 39.84 -19.94
CA ILE A 31 4.30 39.45 -21.13
C ILE A 31 5.23 38.70 -22.10
N PHE A 32 4.65 37.77 -22.85
CA PHE A 32 5.40 36.91 -23.76
C PHE A 32 5.30 37.34 -25.20
N LYS A 33 6.44 37.37 -25.88
CA LYS A 33 6.55 37.66 -27.31
C LYS A 33 6.00 36.45 -28.05
N PRO A 34 5.36 36.61 -29.22
CA PRO A 34 4.77 35.44 -29.91
C PRO A 34 5.77 34.34 -30.25
N GLU A 35 7.06 34.68 -30.38
CA GLU A 35 8.10 33.69 -30.63
C GLU A 35 8.40 32.91 -29.36
N GLU A 36 8.44 33.57 -28.16
CA GLU A 36 8.69 32.86 -26.88
C GLU A 36 7.64 31.78 -26.69
N LEU A 37 6.37 32.16 -26.87
CA LEU A 37 5.22 31.29 -26.72
C LEU A 37 5.20 30.17 -27.74
N ARG A 38 5.49 30.44 -29.02
CA ARG A 38 5.52 29.40 -30.02
C ARG A 38 6.68 28.45 -29.73
N GLN A 39 7.85 28.99 -29.33
CA GLN A 39 9.06 28.21 -29.00
C GLN A 39 8.85 27.28 -27.83
N ALA A 40 8.15 27.75 -26.79
CA ALA A 40 7.90 26.91 -25.62
C ALA A 40 6.70 25.98 -25.76
N LEU A 41 5.60 26.45 -26.41
CA LEU A 41 4.36 25.68 -26.50
C LEU A 41 4.23 24.77 -27.70
N MET A 42 5.01 25.00 -28.76
CA MET A 42 4.94 24.13 -29.92
C MET A 42 5.38 22.69 -29.65
N PRO A 43 6.50 22.44 -28.91
CA PRO A 43 6.86 21.05 -28.57
C PRO A 43 5.73 20.24 -27.96
N THR A 44 4.86 20.89 -27.16
CA THR A 44 3.76 20.18 -26.52
C THR A 44 2.67 19.84 -27.54
N LEU A 45 2.43 20.72 -28.52
CA LEU A 45 1.46 20.43 -29.58
C LEU A 45 1.99 19.34 -30.51
N GLU A 46 3.30 19.37 -30.80
CA GLU A 46 3.96 18.37 -31.64
C GLU A 46 3.85 16.99 -30.99
N ALA A 47 3.93 16.91 -29.65
CA ALA A 47 3.79 15.66 -28.90
C ALA A 47 2.40 15.05 -29.07
N LEU A 48 1.37 15.89 -29.18
CA LEU A 48 0.00 15.42 -29.40
C LEU A 48 -0.14 14.85 -30.80
N TYR A 49 0.40 15.56 -31.78
CA TYR A 49 0.37 15.17 -33.20
C TYR A 49 1.08 13.85 -33.43
N ARG A 50 2.16 13.57 -32.66
CA ARG A 50 2.96 12.35 -32.79
C ARG A 50 2.17 11.09 -32.45
N GLN A 51 1.13 11.19 -31.61
CA GLN A 51 0.30 10.06 -31.26
C GLN A 51 -0.49 9.60 -32.48
N ASP A 52 -0.14 8.44 -32.98
CA ASP A 52 -0.75 7.86 -34.17
C ASP A 52 -1.24 6.47 -33.80
N PRO A 53 -2.52 6.14 -34.09
CA PRO A 53 -3.49 6.95 -34.81
C PRO A 53 -4.39 7.82 -33.93
N GLU A 54 -4.01 8.02 -32.64
CA GLU A 54 -4.75 8.76 -31.61
C GLU A 54 -5.07 10.20 -31.99
N SER A 55 -4.10 10.94 -32.56
CA SER A 55 -4.34 12.31 -32.93
C SER A 55 -5.10 12.46 -34.24
N LEU A 56 -5.18 11.40 -35.08
CA LEU A 56 -5.82 11.52 -36.40
C LEU A 56 -7.27 12.08 -36.38
N PRO A 57 -8.22 11.61 -35.54
CA PRO A 57 -9.56 12.23 -35.57
C PRO A 57 -9.59 13.65 -34.95
N PHE A 58 -8.40 14.20 -34.60
CA PHE A 58 -8.26 15.51 -33.96
C PHE A 58 -7.41 16.51 -34.75
N ARG A 59 -6.66 16.07 -35.78
CA ARG A 59 -5.78 16.94 -36.57
C ARG A 59 -6.48 17.93 -37.49
N GLN A 60 -7.83 17.94 -37.45
CA GLN A 60 -8.69 18.75 -38.29
C GLN A 60 -10.08 18.92 -37.61
N PRO A 61 -10.88 19.93 -38.04
CA PRO A 61 -12.20 20.10 -37.44
C PRO A 61 -13.18 18.95 -37.73
N VAL A 62 -14.05 18.67 -36.75
CA VAL A 62 -15.06 17.62 -36.85
C VAL A 62 -16.11 17.98 -37.91
N ASP A 63 -16.26 17.13 -38.92
CA ASP A 63 -17.24 17.35 -39.96
C ASP A 63 -18.43 16.42 -39.74
N PRO A 64 -19.53 16.94 -39.17
CA PRO A 64 -20.72 16.10 -38.98
C PRO A 64 -21.36 15.59 -40.28
N GLN A 65 -20.97 16.14 -41.45
CA GLN A 65 -21.48 15.64 -42.72
C GLN A 65 -20.77 14.36 -43.11
N LEU A 66 -19.48 14.23 -42.76
CA LEU A 66 -18.73 13.02 -43.05
C LEU A 66 -19.14 11.93 -42.04
N LEU A 67 -19.20 12.27 -40.75
CA LEU A 67 -19.50 11.32 -39.70
C LEU A 67 -20.97 10.93 -39.55
N GLY A 68 -21.89 11.71 -40.11
CA GLY A 68 -23.30 11.44 -39.95
C GLY A 68 -23.80 11.77 -38.54
N ILE A 69 -23.32 12.91 -37.99
CA ILE A 69 -23.71 13.32 -36.63
C ILE A 69 -24.31 14.74 -36.55
N PRO A 70 -25.57 14.95 -37.02
CA PRO A 70 -26.18 16.29 -36.94
C PRO A 70 -26.22 16.87 -35.53
N ASP A 71 -26.34 15.98 -34.56
CA ASP A 71 -26.34 16.21 -33.14
C ASP A 71 -25.13 17.04 -32.70
N TYR A 72 -23.94 16.80 -33.32
CA TYR A 72 -22.65 17.36 -32.93
C TYR A 72 -22.68 18.85 -32.52
N PHE A 73 -22.89 19.80 -33.44
CA PHE A 73 -22.79 21.22 -33.12
C PHE A 73 -23.77 21.74 -32.06
N ASP A 74 -24.87 21.02 -31.80
CA ASP A 74 -25.81 21.43 -30.74
C ASP A 74 -25.32 20.92 -29.38
N ILE A 75 -24.38 19.94 -29.34
CA ILE A 75 -23.81 19.41 -28.10
C ILE A 75 -22.53 20.21 -27.84
N VAL A 76 -21.65 20.26 -28.87
CA VAL A 76 -20.37 20.94 -28.84
C VAL A 76 -20.55 22.33 -29.38
N LYS A 77 -20.65 23.27 -28.47
CA LYS A 77 -20.91 24.66 -28.84
C LYS A 77 -19.68 25.31 -29.43
N ASN A 78 -18.53 25.17 -28.75
CA ASN A 78 -17.27 25.74 -29.24
C ASN A 78 -16.32 24.66 -29.71
N PRO A 79 -16.38 24.27 -31.00
CA PRO A 79 -15.48 23.24 -31.50
C PRO A 79 -14.01 23.65 -31.45
N MET A 80 -13.13 22.67 -31.36
CA MET A 80 -11.69 22.87 -31.32
C MET A 80 -10.96 21.63 -31.80
N ASP A 81 -9.84 21.82 -32.51
CA ASP A 81 -9.02 20.73 -33.01
C ASP A 81 -7.55 21.15 -33.08
N LEU A 82 -6.66 20.18 -33.32
CA LEU A 82 -5.22 20.39 -33.41
C LEU A 82 -4.83 21.45 -34.44
N SER A 83 -5.44 21.41 -35.64
CA SER A 83 -5.14 22.35 -36.73
C SER A 83 -5.45 23.79 -36.35
N THR A 84 -6.56 24.00 -35.65
CA THR A 84 -6.97 25.34 -35.22
C THR A 84 -6.00 25.88 -34.18
N ILE A 85 -5.56 25.03 -33.25
CA ILE A 85 -4.60 25.42 -32.22
C ILE A 85 -3.25 25.75 -32.85
N LYS A 86 -2.82 24.93 -33.84
CA LYS A 86 -1.56 25.16 -34.53
C LYS A 86 -1.64 26.47 -35.31
N ARG A 87 -2.76 26.72 -36.02
CA ARG A 87 -3.02 27.96 -36.75
C ARG A 87 -2.96 29.14 -35.79
N LYS A 88 -3.65 29.06 -34.65
CA LYS A 88 -3.60 30.12 -33.65
C LYS A 88 -2.20 30.38 -33.14
N LEU A 89 -1.42 29.32 -32.92
CA LEU A 89 -0.07 29.44 -32.40
C LEU A 89 0.82 30.11 -33.41
N ASP A 90 0.74 29.66 -34.67
CA ASP A 90 1.50 30.14 -35.84
C ASP A 90 1.28 31.59 -36.18
N THR A 91 0.04 32.04 -36.03
CA THR A 91 -0.34 33.43 -36.31
C THR A 91 -0.20 34.37 -35.09
N GLY A 92 0.18 33.83 -33.93
CA GLY A 92 0.34 34.61 -32.71
C GLY A 92 -0.92 35.06 -31.99
N GLN A 93 -2.03 34.29 -32.13
CA GLN A 93 -3.29 34.67 -31.48
C GLN A 93 -3.34 34.36 -29.97
N TYR A 94 -2.34 33.65 -29.45
CA TYR A 94 -2.25 33.39 -28.03
C TYR A 94 -1.33 34.46 -27.47
N GLN A 95 -1.82 35.25 -26.53
CA GLN A 95 -1.02 36.32 -25.93
C GLN A 95 -0.32 35.85 -24.64
N GLU A 96 -1.01 34.96 -23.90
CA GLU A 96 -0.60 34.37 -22.63
C GLU A 96 -0.69 32.82 -22.76
N PRO A 97 0.19 32.04 -22.11
CA PRO A 97 0.17 30.58 -22.27
C PRO A 97 -1.15 29.90 -21.95
N TRP A 98 -1.88 30.39 -20.94
CA TRP A 98 -3.18 29.81 -20.57
C TRP A 98 -4.18 29.81 -21.70
N GLN A 99 -4.07 30.76 -22.64
CA GLN A 99 -4.97 30.83 -23.78
C GLN A 99 -4.84 29.58 -24.64
N TYR A 100 -3.60 29.11 -24.83
CA TYR A 100 -3.25 27.94 -25.59
C TYR A 100 -3.72 26.70 -24.84
N VAL A 101 -3.37 26.58 -23.54
CA VAL A 101 -3.74 25.40 -22.77
C VAL A 101 -5.27 25.25 -22.65
N ASP A 102 -6.00 26.37 -22.66
CA ASP A 102 -7.45 26.34 -22.56
C ASP A 102 -8.11 25.77 -23.81
N ASP A 103 -7.51 26.03 -24.97
CA ASP A 103 -7.98 25.53 -26.25
C ASP A 103 -7.68 24.02 -26.38
N VAL A 104 -6.52 23.58 -25.87
CA VAL A 104 -6.17 22.14 -25.91
C VAL A 104 -7.11 21.36 -25.02
N TRP A 105 -7.46 21.92 -23.85
CA TRP A 105 -8.41 21.28 -22.95
C TRP A 105 -9.83 21.33 -23.49
N LEU A 106 -10.19 22.38 -24.25
CA LEU A 106 -11.50 22.51 -24.89
C LEU A 106 -11.68 21.36 -25.86
N MET A 107 -10.69 21.12 -26.74
CA MET A 107 -10.72 20.03 -27.71
C MET A 107 -10.88 18.67 -27.04
N PHE A 108 -10.27 18.48 -25.85
CA PHE A 108 -10.38 17.24 -25.11
C PHE A 108 -11.74 17.10 -24.49
N ASN A 109 -12.23 18.16 -23.84
CA ASN A 109 -13.51 18.12 -23.18
C ASN A 109 -14.66 17.96 -24.16
N ASN A 110 -14.54 18.54 -25.37
CA ASN A 110 -15.56 18.44 -26.42
C ASN A 110 -15.71 16.97 -26.81
N ALA A 111 -14.57 16.26 -26.98
CA ALA A 111 -14.51 14.84 -27.34
C ALA A 111 -15.03 13.95 -26.23
N TRP A 112 -14.72 14.30 -24.97
CA TRP A 112 -15.22 13.52 -23.84
C TRP A 112 -16.73 13.75 -23.67
N LEU A 113 -17.19 14.98 -23.91
CA LEU A 113 -18.61 15.30 -23.80
C LEU A 113 -19.40 14.60 -24.89
N TYR A 114 -18.97 14.75 -26.15
CA TYR A 114 -19.74 14.19 -27.25
C TYR A 114 -19.74 12.69 -27.30
N ASN A 115 -18.59 12.06 -27.16
CA ASN A 115 -18.48 10.62 -27.34
C ASN A 115 -18.71 9.80 -26.10
N ARG A 116 -19.14 8.56 -26.31
CA ARG A 116 -19.40 7.62 -25.22
C ARG A 116 -18.07 7.18 -24.63
N LYS A 117 -18.02 6.91 -23.31
CA LYS A 117 -16.81 6.43 -22.64
C LYS A 117 -16.23 5.16 -23.29
N THR A 118 -17.12 4.33 -23.86
CA THR A 118 -16.75 3.09 -24.52
C THR A 118 -16.45 3.27 -26.00
N SER A 119 -16.17 4.51 -26.48
CA SER A 119 -15.91 4.70 -27.91
C SER A 119 -14.44 4.89 -28.23
N ARG A 120 -14.03 4.53 -29.45
CA ARG A 120 -12.64 4.63 -29.92
C ARG A 120 -12.03 6.01 -29.67
N VAL A 121 -12.69 7.05 -30.17
CA VAL A 121 -12.21 8.44 -30.12
C VAL A 121 -12.24 9.00 -28.68
N TYR A 122 -13.05 8.41 -27.77
CA TYR A 122 -13.06 8.83 -26.37
C TYR A 122 -11.75 8.36 -25.74
N LYS A 123 -11.38 7.11 -25.97
CA LYS A 123 -10.14 6.54 -25.47
C LYS A 123 -8.95 7.27 -26.07
N PHE A 124 -9.00 7.58 -27.39
CA PHE A 124 -7.97 8.33 -28.11
C PHE A 124 -7.74 9.68 -27.41
N CYS A 125 -8.84 10.35 -27.08
CA CYS A 125 -8.84 11.63 -26.37
C CYS A 125 -8.16 11.50 -24.98
N SER A 126 -8.52 10.46 -24.24
CA SER A 126 -7.96 10.23 -22.92
C SER A 126 -6.46 9.99 -22.97
N LYS A 127 -5.98 9.31 -24.01
CA LYS A 127 -4.56 9.05 -24.18
C LYS A 127 -3.86 10.39 -24.48
N LEU A 128 -4.37 11.17 -25.46
CA LEU A 128 -3.81 12.48 -25.83
C LEU A 128 -3.75 13.39 -24.61
N ALA A 129 -4.77 13.32 -23.75
CA ALA A 129 -4.81 14.13 -22.54
C ALA A 129 -3.73 13.73 -21.55
N GLU A 130 -3.39 12.46 -21.49
CA GLU A 130 -2.35 11.98 -20.60
C GLU A 130 -0.98 12.54 -21.05
N VAL A 131 -0.75 12.52 -22.34
CA VAL A 131 0.45 13.04 -22.95
C VAL A 131 0.53 14.55 -22.71
N PHE A 132 -0.60 15.25 -22.87
CA PHE A 132 -0.62 16.69 -22.67
C PHE A 132 -0.33 17.04 -21.24
N GLU A 133 -0.86 16.27 -20.29
CA GLU A 133 -0.64 16.52 -18.87
C GLU A 133 0.85 16.45 -18.51
N GLN A 134 1.54 15.38 -18.91
CA GLN A 134 2.96 15.27 -18.59
C GLN A 134 3.85 16.20 -19.44
N GLU A 135 3.35 16.74 -20.56
CA GLU A 135 4.17 17.66 -21.36
C GLU A 135 3.97 19.10 -21.00
N ILE A 136 2.73 19.52 -20.71
CA ILE A 136 2.45 20.93 -20.47
C ILE A 136 2.85 21.37 -19.08
N ASP A 137 2.85 20.46 -18.09
CA ASP A 137 3.21 20.83 -16.73
C ASP A 137 4.63 21.42 -16.65
N PRO A 138 5.70 20.71 -17.08
CA PRO A 138 7.04 21.30 -17.02
C PRO A 138 7.19 22.53 -17.89
N VAL A 139 6.43 22.62 -18.99
CA VAL A 139 6.51 23.76 -19.89
C VAL A 139 5.94 25.00 -19.23
N MET A 140 4.76 24.89 -18.62
CA MET A 140 4.16 26.01 -17.91
C MET A 140 5.04 26.43 -16.73
N GLN A 141 5.62 25.44 -16.02
CA GLN A 141 6.53 25.66 -14.90
C GLN A 141 7.80 26.42 -15.33
N SER A 142 8.30 26.14 -16.53
CA SER A 142 9.46 26.85 -17.04
C SER A 142 9.11 28.32 -17.42
N LEU A 143 7.82 28.60 -17.69
CA LEU A 143 7.33 29.93 -18.00
C LEU A 143 6.93 30.72 -16.72
N GLY A 144 7.15 30.15 -15.53
CA GLY A 144 6.81 30.78 -14.26
C GLY A 144 5.43 30.44 -13.74
N TYR A 145 4.79 29.38 -14.29
CA TYR A 145 3.44 28.99 -13.88
C TYR A 145 3.42 27.75 -12.97
N CYS A 146 2.27 27.52 -12.30
CA CYS A 146 2.09 26.42 -11.38
C CYS A 146 1.98 25.10 -12.10
N CYS A 147 1.26 25.10 -13.23
CA CYS A 147 0.94 23.92 -14.04
C CYS A 147 0.14 24.35 -15.28
N GLY A 148 -0.29 23.39 -16.08
CA GLY A 148 -1.10 23.64 -17.26
C GLY A 148 -2.38 22.81 -17.28
N ARG A 149 -3.10 22.78 -16.14
CA ARG A 149 -4.32 22.00 -16.07
C ARG A 149 -5.56 22.84 -16.10
N LYS A 150 -6.65 22.28 -16.66
CA LYS A 150 -7.94 22.96 -16.62
C LYS A 150 -8.67 22.21 -15.54
N TYR A 151 -8.95 22.90 -14.44
CA TYR A 151 -9.58 22.29 -13.28
C TYR A 151 -11.01 22.79 -13.03
N GLU A 152 -11.93 21.87 -12.79
CA GLU A 152 -13.30 22.22 -12.44
C GLU A 152 -13.72 21.45 -11.19
N PHE A 153 -14.50 22.09 -10.32
CA PHE A 153 -14.95 21.45 -9.09
C PHE A 153 -16.02 20.39 -9.32
N SER A 154 -16.00 19.32 -8.49
CA SER A 154 -16.91 18.18 -8.49
C SER A 154 -18.38 18.60 -8.44
N PRO A 155 -19.26 17.86 -9.16
CA PRO A 155 -20.68 18.21 -9.20
C PRO A 155 -21.43 18.37 -7.85
N GLN A 156 -22.52 19.15 -7.90
CA GLN A 156 -23.33 19.49 -6.75
C GLN A 156 -24.81 19.14 -6.95
N THR A 157 -25.61 19.22 -5.85
CA THR A 157 -27.06 18.98 -5.73
C THR A 157 -27.49 17.65 -6.38
N ASP A 220 -26.35 20.56 -15.72
CA ASP A 220 -25.11 20.12 -16.37
C ASP A 220 -24.14 21.29 -16.54
N THR A 221 -23.59 21.79 -15.41
CA THR A 221 -22.63 22.91 -15.42
C THR A 221 -21.69 22.77 -14.22
N LEU A 222 -20.40 23.01 -14.43
CA LEU A 222 -19.42 22.90 -13.36
C LEU A 222 -18.73 24.21 -13.04
N ASP A 223 -18.43 24.39 -11.77
CA ASP A 223 -17.77 25.59 -11.30
C ASP A 223 -16.28 25.47 -11.55
N PRO A 224 -15.65 26.48 -12.14
CA PRO A 224 -14.19 26.39 -12.38
C PRO A 224 -13.37 26.66 -11.11
N GLU A 225 -12.13 26.17 -11.09
CA GLU A 225 -11.25 26.41 -9.95
C GLU A 225 -10.82 27.89 -9.91
N PRO A 226 -10.55 28.45 -8.72
CA PRO A 226 -10.20 29.87 -8.65
C PRO A 226 -8.80 30.19 -9.12
N PHE A 227 -8.63 31.44 -9.56
CA PHE A 227 -7.34 31.92 -10.02
C PHE A 227 -6.88 33.11 -9.19
N VAL A 228 -5.57 33.37 -9.24
CA VAL A 228 -4.98 34.50 -8.53
C VAL A 228 -3.81 35.01 -9.36
N ASP A 229 -3.82 36.30 -9.68
CA ASP A 229 -2.73 36.90 -10.45
C ASP A 229 -1.65 37.41 -9.49
N CYS A 230 -0.39 37.36 -9.91
CA CYS A 230 0.70 37.85 -9.07
C CYS A 230 0.82 39.39 -9.10
N LYS A 231 1.02 40.01 -7.93
CA LYS A 231 1.14 41.47 -7.79
C LYS A 231 2.33 42.12 -8.57
N GLU A 232 3.43 41.38 -8.75
CA GLU A 232 4.61 41.92 -9.44
C GLU A 232 4.62 41.44 -10.90
N CYS A 233 4.37 40.15 -11.09
CA CYS A 233 4.37 39.40 -12.35
C CYS A 233 3.18 39.66 -13.25
N GLY A 234 2.00 39.66 -12.64
CA GLY A 234 0.73 39.76 -13.34
C GLY A 234 0.24 38.42 -13.87
N ARG A 235 0.98 37.29 -13.58
CA ARG A 235 0.59 36.02 -14.16
C ARG A 235 -0.49 35.28 -13.36
N LYS A 236 -1.46 34.71 -14.13
CA LYS A 236 -2.61 33.98 -13.62
C LYS A 236 -2.22 32.58 -13.23
N MET A 237 -2.45 32.24 -11.95
CA MET A 237 -2.13 30.92 -11.41
C MET A 237 -3.27 30.32 -10.61
N HIS A 238 -3.35 28.97 -10.51
CA HIS A 238 -4.43 28.34 -9.74
C HIS A 238 -4.22 28.66 -8.27
N GLN A 239 -5.24 29.18 -7.57
CA GLN A 239 -5.15 29.53 -6.14
C GLN A 239 -4.88 28.29 -5.31
N ILE A 240 -5.48 27.15 -5.67
CA ILE A 240 -5.25 25.90 -4.97
C ILE A 240 -3.83 25.38 -5.19
N CYS A 241 -3.23 25.66 -6.37
CA CYS A 241 -1.87 25.26 -6.73
C CYS A 241 -0.87 26.01 -5.88
N VAL A 242 -1.04 27.32 -5.79
CA VAL A 242 -0.11 28.17 -5.07
C VAL A 242 -0.40 28.22 -3.55
N LEU A 243 -1.59 27.79 -3.13
CA LEU A 243 -2.03 27.82 -1.74
C LEU A 243 -1.94 29.21 -1.18
N HIS A 244 -2.49 30.20 -1.92
CA HIS A 244 -2.52 31.56 -1.46
C HIS A 244 -3.92 31.87 -0.95
N TYR A 245 -4.00 32.57 0.18
CA TYR A 245 -5.26 33.00 0.76
C TYR A 245 -5.03 34.40 1.27
N ASP A 246 -5.86 35.37 0.85
CA ASP A 246 -5.74 36.75 1.31
C ASP A 246 -5.78 36.86 2.85
N ILE A 247 -6.64 36.10 3.54
CA ILE A 247 -6.71 36.16 5.00
C ILE A 247 -5.33 35.97 5.69
N ILE A 248 -4.55 35.01 5.15
CA ILE A 248 -3.25 34.68 5.70
C ILE A 248 -2.24 35.69 5.26
N TRP A 249 -2.20 35.99 3.95
CA TRP A 249 -1.28 36.98 3.37
C TRP A 249 -2.10 38.12 2.82
N PRO A 250 -2.45 39.11 3.68
CA PRO A 250 -3.34 40.18 3.24
C PRO A 250 -2.72 41.17 2.28
N SER A 251 -1.38 41.25 2.23
CA SER A 251 -0.69 42.11 1.28
C SER A 251 -0.80 41.64 -0.19
N GLY A 252 -1.52 40.54 -0.44
CA GLY A 252 -1.74 40.02 -1.79
C GLY A 252 -0.82 38.89 -2.16
N PHE A 253 -1.00 38.33 -3.37
CA PHE A 253 -0.21 37.20 -3.85
C PHE A 253 1.02 37.58 -4.70
N VAL A 254 2.19 37.08 -4.30
CA VAL A 254 3.42 37.26 -5.08
C VAL A 254 4.02 35.84 -5.32
N CYS A 255 4.23 35.49 -6.60
CA CYS A 255 4.77 34.19 -7.00
C CYS A 255 6.17 33.96 -6.43
N ASP A 256 6.58 32.70 -6.32
CA ASP A 256 7.88 32.34 -5.76
C ASP A 256 9.05 32.96 -6.51
N ASN A 257 8.91 33.14 -7.83
CA ASN A 257 9.96 33.72 -8.64
C ASN A 257 10.14 35.20 -8.33
N CYS A 258 9.05 35.94 -8.13
CA CYS A 258 9.14 37.36 -7.77
C CYS A 258 9.67 37.51 -6.35
N LEU A 259 9.38 36.56 -5.46
CA LEU A 259 9.88 36.54 -4.09
C LEU A 259 11.41 36.37 -4.07
N LYS A 260 11.96 35.61 -5.04
CA LYS A 260 13.40 35.41 -5.17
C LYS A 260 14.03 36.76 -5.53
N LYS A 261 13.42 37.46 -6.51
CA LYS A 261 13.85 38.79 -6.98
C LYS A 261 13.82 39.84 -5.85
N THR A 262 12.86 39.71 -4.93
CA THR A 262 12.75 40.59 -3.75
C THR A 262 13.95 40.29 -2.84
N GLY A 263 14.20 39.00 -2.59
CA GLY A 263 15.27 38.54 -1.73
C GLY A 263 14.74 37.96 -0.45
N ARG A 264 13.61 38.49 0.04
CA ARG A 264 12.96 38.04 1.27
C ARG A 264 12.02 36.84 1.01
N PRO A 265 11.83 35.97 2.03
CA PRO A 265 10.94 34.81 1.83
C PRO A 265 9.44 35.11 2.00
N ARG A 266 8.56 34.16 1.66
CA ARG A 266 7.12 34.37 1.87
C ARG A 266 6.88 34.24 3.38
N LYS A 267 6.10 35.16 3.96
CA LYS A 267 5.86 35.15 5.40
C LYS A 267 5.08 33.90 5.87
N GLU A 268 5.38 33.49 7.12
CA GLU A 268 4.86 32.31 7.82
C GLU A 268 3.34 32.20 7.93
N ASN A 269 2.80 31.03 7.64
CA ASN A 269 1.37 30.79 7.77
C ASN A 269 1.10 30.55 9.27
N LYS A 270 0.65 31.59 9.97
CA LYS A 270 0.37 31.49 11.40
C LYS A 270 -1.00 30.86 11.73
N PHE A 271 -1.76 30.43 10.71
CA PHE A 271 -3.04 29.76 10.89
C PHE A 271 -2.81 28.27 10.68
N SER A 272 -1.76 27.74 11.29
CA SER A 272 -1.39 26.35 11.16
C SER A 272 -2.12 25.45 12.16
N ALA A 273 -2.16 24.14 11.84
CA ALA A 273 -2.76 23.13 12.70
C ALA A 273 -2.01 23.07 14.02
N LYS A 274 -0.67 23.18 13.97
CA LYS A 274 0.18 23.18 15.15
C LYS A 274 -0.19 24.32 16.10
N ARG A 275 -0.48 25.51 15.52
CA ARG A 275 -0.84 26.70 16.30
C ARG A 275 -2.27 26.69 16.85
N LEU A 276 -3.11 25.70 16.48
CA LEU A 276 -4.46 25.60 17.02
C LEU A 276 -4.37 25.25 18.51
N GLN A 277 -5.36 25.68 19.29
CA GLN A 277 -5.43 25.47 20.74
C GLN A 277 -5.16 24.03 21.16
N THR A 278 -4.12 23.86 21.96
CA THR A 278 -3.70 22.56 22.48
C THR A 278 -4.56 22.11 23.66
N THR A 279 -5.04 20.85 23.63
CA THR A 279 -5.83 20.24 24.70
C THR A 279 -5.13 18.97 25.18
N ARG A 280 -5.23 18.61 26.47
CA ARG A 280 -4.64 17.38 27.03
C ARG A 280 -5.14 16.10 26.32
N LEU A 281 -6.39 16.12 25.79
CA LEU A 281 -6.96 15.00 25.05
C LEU A 281 -6.25 14.92 23.70
N GLY A 282 -6.16 16.03 22.99
CA GLY A 282 -5.49 16.10 21.70
C GLY A 282 -4.03 15.75 21.82
N ASN A 283 -3.38 16.24 22.90
CA ASN A 283 -1.98 15.97 23.24
C ASN A 283 -1.79 14.49 23.46
N HIS A 284 -2.70 13.83 24.18
CA HIS A 284 -2.61 12.40 24.40
C HIS A 284 -2.66 11.61 23.07
N LEU A 285 -3.60 11.94 22.16
CA LEU A 285 -3.72 11.24 20.89
C LEU A 285 -2.56 11.56 19.93
N GLU A 286 -2.04 12.79 20.01
CA GLU A 286 -0.95 13.24 19.18
C GLU A 286 0.33 12.55 19.62
N ASP A 287 0.59 12.49 20.93
CA ASP A 287 1.79 11.83 21.44
C ASP A 287 1.80 10.34 21.12
N ARG A 288 0.65 9.66 21.30
CA ARG A 288 0.54 8.22 21.01
C ARG A 288 0.71 7.93 19.52
N VAL A 289 0.20 8.83 18.66
CA VAL A 289 0.29 8.61 17.23
C VAL A 289 1.66 9.08 16.66
N ASN A 290 2.42 9.91 17.40
CA ASN A 290 3.75 10.38 16.97
C ASN A 290 4.86 9.49 17.48
N LYS A 291 4.71 8.95 18.71
CA LYS A 291 5.69 7.99 19.23
C LYS A 291 5.59 6.65 18.46
N PHE A 292 4.40 6.33 17.91
CA PHE A 292 4.18 5.14 17.08
C PHE A 292 4.92 5.30 15.77
N LEU A 293 4.87 6.49 15.17
CA LEU A 293 5.52 6.75 13.91
C LEU A 293 7.05 6.77 14.04
N ARG A 294 7.58 7.21 15.18
CA ARG A 294 9.02 7.21 15.45
C ARG A 294 9.59 5.79 15.48
N ARG A 295 8.79 4.83 15.95
CA ARG A 295 9.17 3.41 15.99
C ARG A 295 9.23 2.81 14.58
N GLN A 296 8.44 3.35 13.63
CA GLN A 296 8.33 2.86 12.26
C GLN A 296 9.45 3.29 11.31
N ASN A 297 10.17 4.39 11.64
CA ASN A 297 11.31 4.90 10.84
C ASN A 297 10.95 5.18 9.36
N HIS A 298 9.70 5.51 9.07
CA HIS A 298 9.29 5.79 7.70
C HIS A 298 9.72 7.21 7.27
N PRO A 299 10.47 7.31 6.17
CA PRO A 299 10.93 8.64 5.71
C PRO A 299 9.84 9.50 5.09
N GLU A 300 8.84 8.86 4.48
CA GLU A 300 7.72 9.57 3.85
C GLU A 300 6.76 10.16 4.92
N ALA A 301 6.77 9.61 6.14
CA ALA A 301 5.91 10.06 7.22
C ALA A 301 6.31 11.44 7.74
N GLY A 302 5.31 12.28 7.97
CA GLY A 302 5.47 13.62 8.50
C GLY A 302 4.77 13.79 9.84
N GLU A 303 5.15 14.81 10.62
CA GLU A 303 4.57 15.06 11.95
C GLU A 303 3.06 15.18 11.95
N VAL A 304 2.41 14.47 12.87
CA VAL A 304 0.96 14.48 12.99
C VAL A 304 0.53 15.35 14.18
N PHE A 305 -0.57 16.12 14.00
CA PHE A 305 -1.16 17.01 14.99
C PHE A 305 -2.59 16.60 15.23
N VAL A 306 -2.94 16.35 16.48
CA VAL A 306 -4.31 16.03 16.82
C VAL A 306 -4.82 17.18 17.67
N ARG A 307 -5.87 17.84 17.19
CA ARG A 307 -6.42 18.98 17.90
C ARG A 307 -7.90 18.80 18.14
N VAL A 308 -8.34 19.05 19.38
CA VAL A 308 -9.76 19.07 19.70
C VAL A 308 -10.15 20.51 19.36
N VAL A 309 -10.98 20.69 18.33
CA VAL A 309 -11.34 21.99 17.78
C VAL A 309 -12.64 22.57 18.32
N ALA A 310 -13.48 21.76 18.97
CA ALA A 310 -14.72 22.21 19.58
C ALA A 310 -15.10 21.25 20.70
N SER A 311 -15.64 21.79 21.78
CA SER A 311 -16.00 21.05 22.98
C SER A 311 -17.15 21.85 23.61
N SER A 312 -18.35 21.24 23.74
CA SER A 312 -19.51 21.94 24.29
C SER A 312 -20.40 21.03 25.15
N ASP A 313 -21.28 21.60 25.99
CA ASP A 313 -22.17 20.79 26.82
C ASP A 313 -23.59 20.80 26.32
N LYS A 314 -24.08 19.62 25.94
CA LYS A 314 -25.42 19.49 25.40
C LYS A 314 -26.24 18.45 26.21
N THR A 315 -27.50 18.20 25.81
CA THR A 315 -28.34 17.20 26.44
C THR A 315 -29.13 16.46 25.36
N VAL A 316 -29.30 15.16 25.52
CA VAL A 316 -30.11 14.38 24.59
C VAL A 316 -31.52 14.22 25.19
N GLU A 317 -32.52 14.85 24.57
CA GLU A 317 -33.88 14.79 25.07
C GLU A 317 -34.50 13.41 24.82
N VAL A 318 -35.36 12.96 25.74
CA VAL A 318 -36.01 11.66 25.57
C VAL A 318 -37.25 11.84 24.69
N LYS A 319 -37.32 11.06 23.58
CA LYS A 319 -38.38 11.16 22.58
C LYS A 319 -39.76 10.81 23.15
N PRO A 320 -40.81 11.51 22.69
CA PRO A 320 -42.16 11.40 23.28
C PRO A 320 -42.72 10.03 23.67
N GLY A 321 -42.50 9.01 22.86
CA GLY A 321 -43.01 7.67 23.15
C GLY A 321 -42.36 7.08 24.39
N MET A 322 -41.03 7.21 24.46
CA MET A 322 -40.22 6.73 25.58
C MET A 322 -40.45 7.60 26.82
N LYS A 323 -40.74 8.91 26.64
CA LYS A 323 -41.03 9.87 27.69
C LYS A 323 -42.30 9.45 28.43
N SER A 324 -43.34 9.07 27.66
CA SER A 324 -44.61 8.62 28.20
C SER A 324 -44.40 7.33 29.01
N ARG A 325 -43.59 6.41 28.46
CA ARG A 325 -43.31 5.12 29.09
C ARG A 325 -42.40 5.17 30.31
N PHE A 326 -41.45 6.12 30.40
CA PHE A 326 -40.49 6.09 31.51
C PHE A 326 -40.27 7.40 32.30
N VAL A 327 -40.46 8.61 31.72
CA VAL A 327 -40.21 9.84 32.50
C VAL A 327 -41.43 10.21 33.36
N ASP A 328 -42.64 9.82 32.96
CA ASP A 328 -43.85 10.09 33.77
C ASP A 328 -43.75 9.29 35.07
N SER A 329 -43.33 8.01 34.96
CA SER A 329 -43.15 7.12 36.11
C SER A 329 -41.94 7.50 36.98
N GLY A 330 -40.96 8.19 36.40
CA GLY A 330 -39.73 8.59 37.07
C GLY A 330 -38.65 7.52 37.03
N GLU A 331 -38.83 6.49 36.19
CA GLU A 331 -37.87 5.40 36.04
C GLU A 331 -36.61 5.82 35.29
N MET A 332 -36.71 6.83 34.41
CA MET A 332 -35.53 7.32 33.68
C MET A 332 -35.68 8.82 33.39
N SER A 333 -34.55 9.53 33.29
CA SER A 333 -34.50 10.98 33.11
C SER A 333 -35.19 11.51 31.86
N GLU A 334 -35.49 12.82 31.85
CA GLU A 334 -36.12 13.53 30.73
C GLU A 334 -35.06 13.84 29.66
N SER A 335 -33.84 14.18 30.11
CA SER A 335 -32.70 14.48 29.25
C SER A 335 -31.46 13.83 29.85
N PHE A 336 -30.46 13.56 29.01
CA PHE A 336 -29.18 13.05 29.47
C PHE A 336 -28.03 14.02 29.13
N PRO A 337 -27.34 14.54 30.14
CA PRO A 337 -26.28 15.52 29.88
C PRO A 337 -24.93 14.95 29.43
N TYR A 338 -24.48 15.37 28.25
CA TYR A 338 -23.20 14.94 27.72
C TYR A 338 -22.36 16.11 27.22
N ARG A 339 -21.06 15.87 27.11
CA ARG A 339 -20.17 16.86 26.56
C ARG A 339 -19.75 16.30 25.20
N THR A 340 -19.97 17.06 24.12
CA THR A 340 -19.58 16.62 22.80
C THR A 340 -18.25 17.26 22.42
N LYS A 341 -17.37 16.46 21.81
CA LYS A 341 -16.06 16.96 21.37
C LYS A 341 -15.83 16.64 19.89
N ALA A 342 -15.21 17.56 19.17
CA ALA A 342 -14.89 17.37 17.77
C ALA A 342 -13.38 17.47 17.63
N LEU A 343 -12.69 16.40 17.23
CA LEU A 343 -11.23 16.44 17.09
C LEU A 343 -10.76 16.06 15.70
N PHE A 344 -9.67 16.68 15.23
CA PHE A 344 -9.15 16.41 13.90
C PHE A 344 -7.68 16.02 13.89
N ALA A 345 -7.27 15.26 12.88
CA ALA A 345 -5.88 14.83 12.73
C ALA A 345 -5.29 15.49 11.48
N PHE A 346 -4.09 16.03 11.60
CA PHE A 346 -3.43 16.71 10.50
C PHE A 346 -2.05 16.16 10.34
N GLU A 347 -1.62 15.94 9.10
CA GLU A 347 -0.27 15.48 8.84
C GLU A 347 0.42 16.45 7.92
N GLU A 348 1.69 16.74 8.20
CA GLU A 348 2.46 17.61 7.32
C GLU A 348 2.79 16.77 6.07
N ILE A 349 2.39 17.25 4.89
CA ILE A 349 2.63 16.61 3.60
C ILE A 349 3.15 17.67 2.66
N ASP A 350 4.35 17.46 2.11
CA ASP A 350 4.97 18.44 1.22
C ASP A 350 5.14 19.81 1.88
N GLY A 351 5.40 19.81 3.18
CA GLY A 351 5.62 21.01 3.96
C GLY A 351 4.37 21.74 4.40
N VAL A 352 3.17 21.25 4.05
CA VAL A 352 1.91 21.90 4.44
C VAL A 352 0.99 20.97 5.26
N ASP A 353 0.05 21.56 6.03
CA ASP A 353 -0.92 20.80 6.80
C ASP A 353 -1.94 20.17 5.88
N VAL A 354 -2.30 18.92 6.15
CA VAL A 354 -3.30 18.17 5.40
C VAL A 354 -4.15 17.43 6.41
N CYS A 355 -5.44 17.75 6.47
CA CYS A 355 -6.35 17.11 7.40
C CYS A 355 -6.76 15.77 6.80
N PHE A 356 -6.57 14.67 7.54
CA PHE A 356 -6.88 13.35 7.01
C PHE A 356 -7.84 12.54 7.85
N PHE A 357 -8.24 13.03 9.03
CA PHE A 357 -9.14 12.31 9.93
C PHE A 357 -9.91 13.30 10.83
N GLY A 358 -11.16 12.96 11.13
CA GLY A 358 -12.04 13.77 11.95
C GLY A 358 -12.96 12.89 12.75
N MET A 359 -13.23 13.25 14.00
CA MET A 359 -14.07 12.43 14.85
C MET A 359 -14.92 13.25 15.80
N HIS A 360 -16.20 12.88 15.94
CA HIS A 360 -17.14 13.52 16.85
C HIS A 360 -17.58 12.50 17.90
N VAL A 361 -17.36 12.82 19.17
CA VAL A 361 -17.72 11.92 20.29
C VAL A 361 -18.73 12.59 21.25
N GLN A 362 -19.42 11.77 22.03
CA GLN A 362 -20.35 12.21 23.06
C GLN A 362 -19.83 11.60 24.37
N GLU A 363 -19.74 12.38 25.45
CA GLU A 363 -19.22 11.88 26.72
C GLU A 363 -20.22 12.08 27.89
N TYR A 364 -20.75 10.97 28.39
CA TYR A 364 -21.73 10.99 29.46
C TYR A 364 -21.05 10.75 30.82
N GLY A 365 -20.94 11.80 31.60
CA GLY A 365 -20.21 11.80 32.85
C GLY A 365 -20.74 11.06 34.07
N SER A 366 -20.10 11.35 35.22
CA SER A 366 -20.38 10.76 36.52
C SER A 366 -21.74 11.19 37.04
N ASP A 367 -22.10 12.46 36.83
CA ASP A 367 -23.40 12.94 37.29
C ASP A 367 -24.55 12.67 36.29
N CYS A 368 -24.29 11.83 35.27
CA CYS A 368 -25.32 11.48 34.32
C CYS A 368 -26.12 10.35 34.89
N PRO A 369 -27.44 10.47 34.91
CA PRO A 369 -28.27 9.37 35.42
C PRO A 369 -28.24 8.16 34.49
N PRO A 370 -28.50 6.96 35.03
CA PRO A 370 -28.57 5.77 34.17
C PRO A 370 -29.66 5.94 33.10
N PRO A 371 -29.50 5.31 31.94
CA PRO A 371 -28.50 4.29 31.61
C PRO A 371 -27.22 4.76 30.92
N ASN A 372 -26.88 6.05 30.99
CA ASN A 372 -25.70 6.56 30.28
C ASN A 372 -24.51 6.88 31.16
N THR A 373 -24.58 6.64 32.48
CA THR A 373 -23.49 7.01 33.38
C THR A 373 -22.12 6.46 32.94
N ARG A 374 -21.09 7.32 32.96
CA ARG A 374 -19.70 7.03 32.64
C ARG A 374 -19.56 6.28 31.31
N ARG A 375 -20.11 6.84 30.24
CA ARG A 375 -20.04 6.25 28.91
C ARG A 375 -19.59 7.23 27.86
N VAL A 376 -18.87 6.73 26.86
CA VAL A 376 -18.42 7.51 25.71
C VAL A 376 -18.99 6.87 24.44
N TYR A 377 -19.33 7.67 23.46
CA TYR A 377 -19.95 7.14 22.25
C TYR A 377 -19.44 7.84 21.00
N ILE A 378 -18.77 7.09 20.07
CA ILE A 378 -18.28 7.68 18.82
C ILE A 378 -19.48 7.90 17.92
N SER A 379 -19.87 9.18 17.75
CA SER A 379 -21.03 9.50 16.93
C SER A 379 -20.62 9.51 15.47
N TYR A 380 -19.57 10.27 15.15
CA TYR A 380 -19.07 10.31 13.79
C TYR A 380 -17.58 10.07 13.71
N LEU A 381 -17.15 9.60 12.56
CA LEU A 381 -15.77 9.27 12.26
C LEU A 381 -15.65 9.39 10.75
N ASP A 382 -14.62 10.09 10.27
CA ASP A 382 -14.41 10.28 8.83
C ASP A 382 -12.93 10.48 8.50
N SER A 383 -12.54 10.14 7.28
CA SER A 383 -11.15 10.23 6.88
C SER A 383 -10.99 10.55 5.40
N ILE A 384 -9.82 11.08 5.04
CA ILE A 384 -9.40 11.37 3.68
C ILE A 384 -8.07 10.59 3.52
N HIS A 385 -7.99 9.73 2.47
CA HIS A 385 -6.89 8.78 2.28
C HIS A 385 -5.59 9.36 1.70
N PHE A 386 -5.14 10.50 2.24
CA PHE A 386 -3.86 11.06 1.80
C PHE A 386 -2.77 11.01 2.84
N PHE A 387 -2.94 10.20 3.90
CA PHE A 387 -1.92 10.08 4.92
C PHE A 387 -0.70 9.43 4.29
N ARG A 388 0.45 10.10 4.37
CA ARG A 388 1.70 9.57 3.82
C ARG A 388 2.61 9.09 4.96
N PRO A 389 3.06 7.81 4.97
CA PRO A 389 2.86 6.76 3.96
C PRO A 389 1.58 5.95 4.05
N ARG A 390 0.91 5.74 2.89
CA ARG A 390 -0.32 4.97 2.69
C ARG A 390 -0.48 3.70 3.60
N CYS A 391 0.61 2.94 3.81
N CYS A 391 0.61 2.94 3.81
CA CYS A 391 0.61 1.73 4.62
CA CYS A 391 0.61 1.73 4.62
C CYS A 391 0.32 2.00 6.10
C CYS A 391 0.32 2.00 6.10
N LEU A 392 0.89 3.08 6.63
CA LEU A 392 0.70 3.46 8.03
C LEU A 392 -0.65 4.18 8.32
N ARG A 393 -1.50 4.35 7.28
CA ARG A 393 -2.80 5.03 7.32
C ARG A 393 -3.78 4.44 8.36
N THR A 394 -4.31 3.23 8.11
CA THR A 394 -5.23 2.55 9.01
C THR A 394 -4.59 2.35 10.39
N ALA A 395 -3.27 2.05 10.43
CA ALA A 395 -2.51 1.88 11.67
C ALA A 395 -2.48 3.16 12.51
N VAL A 396 -2.44 4.32 11.86
CA VAL A 396 -2.47 5.60 12.56
C VAL A 396 -3.89 5.83 13.09
N TYR A 397 -4.91 5.52 12.28
CA TYR A 397 -6.33 5.65 12.65
C TYR A 397 -6.62 4.86 13.94
N HIS A 398 -6.10 3.62 13.99
CA HIS A 398 -6.28 2.76 15.15
C HIS A 398 -5.59 3.36 16.37
N GLU A 399 -4.40 3.96 16.20
CA GLU A 399 -3.70 4.58 17.31
C GLU A 399 -4.50 5.74 17.90
N ILE A 400 -5.19 6.51 17.03
CA ILE A 400 -6.03 7.61 17.47
C ILE A 400 -7.22 7.10 18.27
N LEU A 401 -7.95 6.12 17.71
CA LEU A 401 -9.10 5.55 18.40
C LEU A 401 -8.71 4.93 19.73
N ILE A 402 -7.63 4.11 19.76
CA ILE A 402 -7.12 3.45 20.96
C ILE A 402 -6.66 4.46 22.01
N GLY A 403 -6.07 5.57 21.55
CA GLY A 403 -5.64 6.66 22.42
C GLY A 403 -6.82 7.34 23.09
N TYR A 404 -7.95 7.45 22.37
CA TYR A 404 -9.15 8.05 22.91
C TYR A 404 -9.72 7.16 24.00
N LEU A 405 -9.81 5.85 23.73
CA LEU A 405 -10.31 4.87 24.70
C LEU A 405 -9.43 4.82 25.94
N GLU A 406 -8.12 4.99 25.78
CA GLU A 406 -7.14 5.04 26.86
C GLU A 406 -7.29 6.31 27.72
N TYR A 407 -7.47 7.47 27.07
CA TYR A 407 -7.62 8.74 27.79
C TYR A 407 -8.94 8.78 28.57
N VAL A 408 -10.06 8.33 27.97
CA VAL A 408 -11.33 8.33 28.69
C VAL A 408 -11.34 7.30 29.82
N LYS A 409 -10.56 6.20 29.69
CA LYS A 409 -10.47 5.21 30.75
C LYS A 409 -9.78 5.82 31.97
N LYS A 410 -8.65 6.52 31.75
CA LYS A 410 -7.94 7.12 32.87
C LYS A 410 -8.71 8.29 33.51
N LEU A 411 -9.63 8.94 32.76
CA LEU A 411 -10.47 9.99 33.33
C LEU A 411 -11.57 9.43 34.26
N GLY A 412 -12.03 8.21 33.99
CA GLY A 412 -13.05 7.55 34.78
C GLY A 412 -14.19 6.94 34.01
N TYR A 413 -14.20 7.07 32.68
CA TYR A 413 -15.27 6.49 31.86
C TYR A 413 -15.14 5.01 31.88
N VAL A 414 -16.28 4.31 31.96
CA VAL A 414 -16.26 2.87 32.12
C VAL A 414 -16.74 2.10 30.86
N THR A 415 -17.58 2.72 29.99
CA THR A 415 -18.06 2.01 28.80
C THR A 415 -17.97 2.81 27.50
N GLY A 416 -17.27 2.28 26.52
CA GLY A 416 -17.23 2.87 25.18
C GLY A 416 -18.28 2.22 24.29
N HIS A 417 -18.78 2.91 23.27
CA HIS A 417 -19.80 2.33 22.39
C HIS A 417 -19.55 2.79 20.96
N ILE A 418 -19.60 1.85 20.01
CA ILE A 418 -19.34 2.19 18.61
C ILE A 418 -20.48 1.67 17.71
N TRP A 419 -21.02 2.55 16.81
CA TRP A 419 -22.06 2.13 15.86
C TRP A 419 -21.39 2.06 14.51
N ALA A 420 -20.98 0.87 14.09
CA ALA A 420 -20.31 0.70 12.80
C ALA A 420 -21.31 0.75 11.65
N CYS A 421 -21.53 1.94 11.10
CA CYS A 421 -22.47 2.11 10.00
C CYS A 421 -21.81 2.88 8.86
N PRO A 422 -21.35 2.21 7.77
CA PRO A 422 -20.72 2.97 6.68
C PRO A 422 -21.64 4.01 6.02
N PRO A 423 -21.04 5.08 5.45
CA PRO A 423 -21.85 6.16 4.88
C PRO A 423 -22.87 5.75 3.83
N SER A 424 -24.05 6.37 3.88
CA SER A 424 -25.13 6.11 2.94
C SER A 424 -24.69 6.64 1.56
N GLU A 425 -24.35 5.69 0.68
CA GLU A 425 -23.87 5.86 -0.69
C GLU A 425 -23.00 7.16 -0.89
N GLY A 426 -23.52 8.19 -1.59
CA GLY A 426 -22.77 9.40 -1.88
C GLY A 426 -22.33 10.21 -0.67
N ASP A 427 -23.32 10.63 0.14
CA ASP A 427 -23.25 11.43 1.37
C ASP A 427 -21.97 11.19 2.22
N ASP A 428 -21.34 12.28 2.67
CA ASP A 428 -20.11 12.25 3.48
C ASP A 428 -20.43 12.58 4.93
N TYR A 429 -19.71 11.95 5.87
CA TYR A 429 -19.91 12.12 7.32
C TYR A 429 -19.41 13.45 7.86
N ILE A 430 -18.11 13.73 7.68
CA ILE A 430 -17.41 14.91 8.16
C ILE A 430 -16.74 15.72 7.04
N PHE A 431 -15.93 15.06 6.19
CA PHE A 431 -15.17 15.75 5.12
C PHE A 431 -15.97 15.90 3.86
N HIS A 432 -16.15 17.16 3.40
CA HIS A 432 -16.99 17.53 2.24
C HIS A 432 -16.91 16.63 1.00
N CYS A 433 -15.80 16.63 0.25
CA CYS A 433 -15.80 15.91 -1.01
C CYS A 433 -14.76 14.85 -1.02
N HIS A 434 -15.15 13.58 -0.86
CA HIS A 434 -14.18 12.49 -0.80
C HIS A 434 -13.49 12.17 -2.12
N PRO A 435 -12.22 11.65 -2.08
CA PRO A 435 -11.57 11.27 -3.35
C PRO A 435 -12.40 10.22 -4.06
N PRO A 436 -12.62 10.36 -5.38
CA PRO A 436 -13.43 9.34 -6.09
C PRO A 436 -12.81 7.94 -6.03
N ASP A 437 -11.48 7.86 -5.84
CA ASP A 437 -10.77 6.60 -5.70
C ASP A 437 -10.68 6.12 -4.22
N GLN A 438 -11.32 6.85 -3.28
CA GLN A 438 -11.39 6.46 -1.87
C GLN A 438 -12.59 5.55 -1.75
N LYS A 439 -12.37 4.27 -1.39
CA LYS A 439 -13.45 3.30 -1.29
C LYS A 439 -14.26 3.38 0.02
N ILE A 440 -15.58 3.17 -0.11
CA ILE A 440 -16.48 3.14 1.02
C ILE A 440 -16.51 1.70 1.48
N PRO A 441 -16.03 1.42 2.71
CA PRO A 441 -16.10 0.03 3.21
C PRO A 441 -17.51 -0.51 3.29
N LYS A 442 -17.66 -1.80 3.03
CA LYS A 442 -18.94 -2.48 3.15
C LYS A 442 -19.23 -2.63 4.66
N PRO A 443 -20.50 -2.67 5.12
CA PRO A 443 -20.76 -2.81 6.57
C PRO A 443 -19.96 -3.93 7.25
N LYS A 444 -19.79 -5.08 6.57
CA LYS A 444 -18.99 -6.22 7.05
C LYS A 444 -17.52 -5.82 7.32
N ARG A 445 -16.86 -5.18 6.31
CA ARG A 445 -15.47 -4.74 6.38
C ARG A 445 -15.30 -3.72 7.52
N LEU A 446 -16.25 -2.80 7.65
CA LEU A 446 -16.19 -1.80 8.69
C LEU A 446 -16.31 -2.44 10.08
N GLN A 447 -17.15 -3.47 10.21
CA GLN A 447 -17.28 -4.17 11.49
C GLN A 447 -15.91 -4.82 11.86
N GLU A 448 -15.20 -5.35 10.84
CA GLU A 448 -13.90 -6.00 10.98
C GLU A 448 -12.83 -5.01 11.39
N TRP A 449 -12.86 -3.84 10.79
CA TRP A 449 -11.93 -2.77 11.04
C TRP A 449 -11.97 -2.36 12.53
N PHE A 450 -13.17 -2.14 13.09
CA PHE A 450 -13.30 -1.79 14.51
C PHE A 450 -12.86 -2.94 15.39
N LYS A 451 -13.17 -4.18 14.98
CA LYS A 451 -12.77 -5.38 15.73
C LYS A 451 -11.25 -5.44 15.86
N LYS A 452 -10.55 -5.13 14.77
CA LYS A 452 -9.10 -5.15 14.72
C LYS A 452 -8.45 -4.17 15.68
N MET A 453 -8.95 -2.93 15.74
CA MET A 453 -8.39 -1.95 16.66
C MET A 453 -8.66 -2.37 18.10
N LEU A 454 -9.85 -2.93 18.37
CA LEU A 454 -10.21 -3.38 19.70
C LEU A 454 -9.39 -4.59 20.15
N ASP A 455 -8.92 -5.41 19.20
CA ASP A 455 -8.06 -6.52 19.54
C ASP A 455 -6.70 -5.97 20.00
N LYS A 456 -6.19 -4.92 19.32
CA LYS A 456 -4.94 -4.27 19.67
C LYS A 456 -5.07 -3.58 21.03
N ALA A 457 -6.22 -2.94 21.28
CA ALA A 457 -6.51 -2.27 22.56
C ALA A 457 -6.56 -3.29 23.70
N PHE A 458 -7.10 -4.49 23.42
CA PHE A 458 -7.20 -5.57 24.37
C PHE A 458 -5.82 -6.12 24.70
N ALA A 459 -4.99 -6.34 23.67
CA ALA A 459 -3.63 -6.85 23.82
C ALA A 459 -2.73 -5.89 24.61
N GLU A 460 -2.96 -4.57 24.47
CA GLU A 460 -2.19 -3.58 25.20
C GLU A 460 -2.67 -3.35 26.64
N ARG A 461 -3.64 -4.15 27.11
CA ARG A 461 -4.25 -4.06 28.44
C ARG A 461 -4.88 -2.69 28.71
N ILE A 462 -5.34 -2.03 27.63
CA ILE A 462 -6.03 -0.73 27.68
C ILE A 462 -7.53 -1.04 27.85
N ILE A 463 -8.04 -1.97 27.02
CA ILE A 463 -9.42 -2.45 27.03
C ILE A 463 -9.49 -3.80 27.76
N ASN A 464 -10.34 -3.88 28.77
CA ASN A 464 -10.49 -5.13 29.53
C ASN A 464 -11.36 -6.14 28.80
N ASP A 465 -12.29 -5.68 27.96
CA ASP A 465 -13.19 -6.56 27.20
C ASP A 465 -14.00 -5.78 26.16
N TYR A 466 -14.56 -6.48 25.17
CA TYR A 466 -15.46 -5.89 24.22
C TYR A 466 -16.36 -6.98 23.66
N LYS A 467 -17.63 -6.65 23.51
CA LYS A 467 -18.67 -7.56 23.01
C LYS A 467 -19.69 -6.77 22.19
N ASP A 468 -20.56 -7.46 21.44
CA ASP A 468 -21.63 -6.81 20.70
C ASP A 468 -22.81 -6.45 21.64
N ILE A 469 -23.76 -5.62 21.17
CA ILE A 469 -24.89 -5.17 22.00
C ILE A 469 -25.82 -6.31 22.47
N PHE A 470 -26.05 -7.34 21.63
CA PHE A 470 -26.91 -8.48 21.97
C PHE A 470 -26.32 -9.31 23.10
N LYS A 471 -25.08 -9.79 22.92
CA LYS A 471 -24.34 -10.58 23.89
C LYS A 471 -24.23 -9.84 25.22
N GLN A 472 -24.02 -8.53 25.18
CA GLN A 472 -23.91 -7.74 26.40
C GLN A 472 -25.20 -7.65 27.24
N ALA A 473 -26.36 -7.52 26.57
CA ALA A 473 -27.66 -7.41 27.23
C ALA A 473 -28.05 -8.65 28.01
N ASN A 474 -27.54 -9.81 27.59
CA ASN A 474 -27.82 -11.06 28.26
C ASN A 474 -26.89 -11.22 29.45
N GLU A 475 -25.62 -10.83 29.31
CA GLU A 475 -24.66 -10.92 30.40
C GLU A 475 -25.01 -10.06 31.61
N ASP A 476 -25.66 -8.93 31.36
CA ASP A 476 -26.12 -8.05 32.42
C ASP A 476 -27.62 -8.25 32.77
N ARG A 477 -28.30 -9.24 32.10
CA ARG A 477 -29.71 -9.61 32.21
C ARG A 477 -30.62 -8.39 32.13
N LEU A 478 -30.63 -7.76 30.95
CA LEU A 478 -31.43 -6.56 30.70
C LEU A 478 -32.84 -7.01 30.35
N THR A 479 -33.83 -6.43 31.00
CA THR A 479 -35.22 -6.78 30.76
C THR A 479 -36.04 -5.65 30.13
N SER A 480 -35.65 -4.39 30.38
CA SER A 480 -36.41 -3.26 29.86
C SER A 480 -35.63 -2.33 28.96
N ALA A 481 -36.37 -1.54 28.16
CA ALA A 481 -35.81 -0.57 27.23
C ALA A 481 -35.08 0.55 27.96
N LYS A 482 -35.50 0.90 29.19
CA LYS A 482 -34.82 1.95 29.96
C LYS A 482 -33.39 1.60 30.37
N GLU A 483 -32.94 0.39 30.08
CA GLU A 483 -31.61 -0.07 30.44
C GLU A 483 -30.57 0.18 29.38
N LEU A 484 -30.98 0.39 28.12
CA LEU A 484 -30.05 0.60 27.03
C LEU A 484 -29.58 2.02 27.03
N PRO A 485 -28.27 2.24 26.81
CA PRO A 485 -27.78 3.60 26.69
C PRO A 485 -28.48 4.37 25.56
N TYR A 486 -28.92 5.59 25.87
CA TYR A 486 -29.70 6.48 25.01
C TYR A 486 -28.85 7.67 24.54
N PHE A 487 -28.29 7.58 23.31
CA PHE A 487 -27.40 8.60 22.76
C PHE A 487 -28.01 9.53 21.72
N GLU A 488 -27.41 10.70 21.51
CA GLU A 488 -27.89 11.65 20.52
C GLU A 488 -27.61 11.15 19.11
N GLY A 489 -28.64 11.10 18.29
CA GLY A 489 -28.53 10.67 16.90
C GLY A 489 -28.26 9.19 16.71
N ASP A 490 -28.36 8.39 17.78
CA ASP A 490 -28.13 6.97 17.69
C ASP A 490 -29.39 6.24 17.22
N PHE A 491 -29.17 5.06 16.64
CA PHE A 491 -30.18 4.19 16.09
C PHE A 491 -31.19 3.76 17.14
N TRP A 492 -30.71 3.36 18.31
CA TRP A 492 -31.55 2.85 19.39
C TRP A 492 -32.64 3.80 19.86
N PRO A 493 -32.41 5.09 20.19
CA PRO A 493 -33.55 5.97 20.53
C PRO A 493 -34.69 5.97 19.49
N ASN A 494 -34.36 5.75 18.20
CA ASN A 494 -35.34 5.71 17.12
C ASN A 494 -36.04 4.37 17.06
N VAL A 495 -35.32 3.28 17.32
CA VAL A 495 -35.86 1.93 17.35
C VAL A 495 -36.89 1.82 18.47
N LEU A 496 -36.55 2.30 19.67
CA LEU A 496 -37.46 2.29 20.82
C LEU A 496 -38.68 3.15 20.50
N GLU A 497 -38.47 4.28 19.82
CA GLU A 497 -39.52 5.19 19.43
C GLU A 497 -40.50 4.59 18.45
N GLU A 498 -40.03 3.98 17.34
CA GLU A 498 -40.93 3.38 16.35
C GLU A 498 -41.78 2.22 16.90
N SER A 499 -41.52 1.77 18.13
CA SER A 499 -42.37 0.78 18.78
C SER A 499 -43.55 1.51 19.46
N ILE A 500 -44.06 2.59 18.80
CA ILE A 500 -45.23 3.37 19.23
C ILE A 500 -46.46 2.62 18.69
N LYS A 501 -46.42 2.31 17.38
CA LYS A 501 -47.42 1.53 16.65
C LYS A 501 -47.52 0.12 17.26
N GLU A 502 -46.38 -0.46 17.69
CA GLU A 502 -46.30 -1.77 18.33
C GLU A 502 -46.97 -1.77 19.71
N LYS A 510 -40.04 -8.38 20.38
CA LYS A 510 -39.86 -7.76 19.09
C LYS A 510 -38.63 -6.88 19.07
N LEU A 511 -38.31 -6.22 20.22
CA LEU A 511 -37.14 -5.33 20.34
C LEU A 511 -35.87 -6.11 20.61
N TYR A 512 -35.98 -7.10 21.49
CA TYR A 512 -34.86 -7.98 21.84
C TYR A 512 -34.35 -8.73 20.58
N ALA A 513 -35.26 -9.03 19.62
CA ALA A 513 -34.93 -9.65 18.34
C ALA A 513 -34.17 -8.66 17.46
N THR A 514 -34.58 -7.39 17.49
CA THR A 514 -33.93 -6.31 16.74
C THR A 514 -32.48 -6.10 17.21
N MET A 515 -32.18 -6.36 18.51
CA MET A 515 -30.81 -6.23 19.00
C MET A 515 -29.92 -7.25 18.31
N GLU A 516 -30.41 -8.51 18.21
CA GLU A 516 -29.67 -9.59 17.55
C GLU A 516 -29.53 -9.30 16.07
N LYS A 517 -30.61 -8.78 15.43
CA LYS A 517 -30.68 -8.40 14.00
C LYS A 517 -29.44 -7.64 13.55
N HIS A 518 -28.97 -6.71 14.41
CA HIS A 518 -27.85 -5.85 14.06
C HIS A 518 -26.56 -6.36 14.69
N LYS A 519 -26.07 -7.38 13.98
CA LYS A 519 -24.87 -8.18 14.16
C LYS A 519 -23.63 -7.36 14.00
N GLU A 520 -22.88 -7.17 15.10
CA GLU A 520 -21.59 -6.47 15.09
C GLU A 520 -21.66 -5.03 14.62
N VAL A 521 -22.86 -4.47 14.45
CA VAL A 521 -22.97 -3.04 14.07
C VAL A 521 -23.04 -2.17 15.37
N PHE A 522 -23.19 -2.80 16.56
CA PHE A 522 -23.21 -2.08 17.83
C PHE A 522 -22.23 -2.72 18.79
N PHE A 523 -21.20 -1.99 19.18
CA PHE A 523 -20.18 -2.49 20.11
C PHE A 523 -20.35 -1.91 21.51
N VAL A 524 -19.84 -2.65 22.52
CA VAL A 524 -19.80 -2.26 23.93
C VAL A 524 -18.37 -2.53 24.36
N ILE A 525 -17.65 -1.49 24.73
CA ILE A 525 -16.24 -1.59 25.08
C ILE A 525 -16.07 -1.39 26.55
N HIS A 526 -15.39 -2.30 27.22
CA HIS A 526 -15.20 -2.24 28.66
C HIS A 526 -13.84 -1.68 29.04
N LEU A 527 -13.88 -0.54 29.70
CA LEU A 527 -12.67 0.16 30.09
C LEU A 527 -12.13 -0.27 31.45
N HIS A 528 -12.92 -0.99 32.28
CA HIS A 528 -12.45 -1.45 33.59
C HIS A 528 -12.92 -2.86 33.90
N PRO A 537 -15.49 8.65 43.02
CA PRO A 537 -14.41 9.31 42.26
C PRO A 537 -14.92 9.98 40.99
N PRO A 538 -15.54 11.17 41.08
CA PRO A 538 -16.11 11.81 39.88
C PRO A 538 -15.15 12.10 38.74
N ILE A 539 -15.64 12.01 37.50
CA ILE A 539 -14.83 12.32 36.33
C ILE A 539 -14.66 13.85 36.31
N VAL A 540 -13.43 14.31 36.08
CA VAL A 540 -13.15 15.75 36.02
C VAL A 540 -12.27 16.03 34.80
N ASP A 541 -12.90 16.53 33.72
CA ASP A 541 -12.21 16.82 32.46
C ASP A 541 -11.35 18.06 32.62
N PRO A 542 -10.03 17.90 32.50
CA PRO A 542 -9.14 19.05 32.69
C PRO A 542 -9.26 20.11 31.59
N ASP A 543 -9.63 19.68 30.37
CA ASP A 543 -9.76 20.51 29.19
C ASP A 543 -10.96 21.44 29.23
N PRO A 544 -10.72 22.74 28.98
CA PRO A 544 -11.83 23.70 28.94
C PRO A 544 -12.71 23.55 27.70
N LEU A 545 -13.97 24.00 27.80
CA LEU A 545 -14.90 23.93 26.68
C LEU A 545 -14.42 24.86 25.59
N LEU A 546 -14.30 24.36 24.35
CA LEU A 546 -13.88 25.19 23.23
C LEU A 546 -15.11 25.50 22.42
N SER A 547 -15.46 26.78 22.31
CA SER A 547 -16.63 27.18 21.56
C SER A 547 -16.24 27.36 20.11
N CYS A 548 -16.98 26.72 19.21
CA CYS A 548 -16.71 26.75 17.77
C CYS A 548 -17.95 26.23 17.09
N ASP A 549 -18.76 27.12 16.52
CA ASP A 549 -20.03 26.74 15.89
C ASP A 549 -19.85 25.82 14.69
N LEU A 550 -18.74 26.00 13.94
CA LEU A 550 -18.40 25.20 12.76
C LEU A 550 -18.25 23.73 13.12
N MET A 551 -17.64 23.46 14.28
CA MET A 551 -17.41 22.08 14.71
C MET A 551 -18.36 21.63 15.84
N ASP A 552 -19.53 22.29 15.94
CA ASP A 552 -20.59 21.90 16.87
C ASP A 552 -21.60 21.27 15.95
N GLY A 553 -21.46 19.97 15.75
CA GLY A 553 -22.30 19.26 14.80
C GLY A 553 -21.55 19.06 13.50
N ARG A 554 -21.76 17.92 12.85
CA ARG A 554 -21.07 17.59 11.60
C ARG A 554 -21.49 18.50 10.43
N ASP A 555 -22.75 18.95 10.44
CA ASP A 555 -23.45 19.73 9.43
C ASP A 555 -22.84 21.10 9.09
N ALA A 556 -22.37 21.85 10.10
CA ALA A 556 -21.84 23.20 9.86
C ALA A 556 -20.61 23.20 8.99
N PHE A 557 -19.66 22.27 9.24
CA PHE A 557 -18.44 22.23 8.44
C PHE A 557 -18.75 21.74 7.01
N LEU A 558 -19.63 20.74 6.89
CA LEU A 558 -20.02 20.16 5.62
C LEU A 558 -20.70 21.17 4.76
N THR A 559 -21.59 21.98 5.33
CA THR A 559 -22.31 23.01 4.59
C THR A 559 -21.38 24.10 4.08
N LEU A 560 -20.48 24.63 4.94
CA LEU A 560 -19.54 25.70 4.60
C LEU A 560 -18.56 25.26 3.52
N ALA A 561 -17.99 24.06 3.66
CA ALA A 561 -17.05 23.54 2.67
C ALA A 561 -17.74 23.30 1.33
N ARG A 562 -19.04 22.96 1.34
CA ARG A 562 -19.83 22.74 0.13
C ARG A 562 -19.99 24.02 -0.67
N ASP A 563 -20.15 25.15 0.02
CA ASP A 563 -20.32 26.44 -0.65
C ASP A 563 -18.99 27.02 -1.04
N LYS A 564 -17.98 26.90 -0.17
CA LYS A 564 -16.65 27.43 -0.46
C LYS A 564 -15.80 26.51 -1.34
N HIS A 565 -16.32 25.34 -1.72
CA HIS A 565 -15.65 24.37 -2.59
C HIS A 565 -14.40 23.71 -1.95
N TRP A 566 -14.37 23.64 -0.61
CA TRP A 566 -13.26 23.00 0.08
C TRP A 566 -13.47 21.50 0.00
N GLU A 567 -13.12 20.92 -1.13
CA GLU A 567 -13.23 19.51 -1.36
C GLU A 567 -12.02 18.83 -0.78
N PHE A 568 -12.19 17.57 -0.46
CA PHE A 568 -11.11 16.74 0.03
C PHE A 568 -10.92 15.59 -0.97
N SER A 569 -11.07 15.86 -2.29
CA SER A 569 -11.05 14.85 -3.34
C SER A 569 -9.67 14.57 -3.94
N SER A 570 -8.71 15.50 -3.80
CA SER A 570 -7.34 15.26 -4.23
C SER A 570 -6.35 15.72 -3.14
N LEU A 571 -5.05 15.37 -3.23
CA LEU A 571 -4.08 15.87 -2.24
C LEU A 571 -3.96 17.40 -2.39
N ARG A 572 -4.02 17.93 -3.64
CA ARG A 572 -3.93 19.36 -3.83
C ARG A 572 -5.17 20.08 -3.30
N ARG A 573 -6.38 19.56 -3.56
CA ARG A 573 -7.59 20.20 -3.05
C ARG A 573 -7.70 20.07 -1.54
N SER A 574 -7.29 18.92 -0.95
CA SER A 574 -7.31 18.70 0.50
C SER A 574 -6.32 19.64 1.21
N LYS A 575 -5.17 19.94 0.57
CA LYS A 575 -4.14 20.87 1.05
C LYS A 575 -4.74 22.27 1.15
N TRP A 576 -5.58 22.64 0.16
CA TRP A 576 -6.26 23.91 0.08
C TRP A 576 -7.38 24.04 1.11
N SER A 577 -8.22 23.02 1.18
CA SER A 577 -9.35 22.92 2.08
C SER A 577 -8.87 22.95 3.51
N THR A 578 -7.74 22.29 3.81
CA THR A 578 -7.17 22.31 5.15
C THR A 578 -6.69 23.71 5.50
N LEU A 579 -6.05 24.40 4.54
CA LEU A 579 -5.54 25.75 4.73
C LEU A 579 -6.67 26.73 5.08
N CYS A 580 -7.85 26.60 4.42
CA CYS A 580 -9.03 27.44 4.58
C CYS A 580 -9.84 27.10 5.82
N MET A 581 -9.91 25.80 6.11
CA MET A 581 -10.56 25.27 7.28
C MET A 581 -9.82 25.76 8.52
N LEU A 582 -8.48 25.74 8.49
CA LEU A 582 -7.64 26.19 9.60
C LEU A 582 -7.81 27.67 9.88
N VAL A 583 -8.02 28.47 8.84
CA VAL A 583 -8.31 29.90 9.00
C VAL A 583 -9.67 30.06 9.70
N GLU A 584 -10.72 29.39 9.20
CA GLU A 584 -12.03 29.43 9.82
C GLU A 584 -12.01 29.03 11.30
N LEU A 585 -11.24 28.00 11.65
CA LEU A 585 -11.10 27.56 13.04
C LEU A 585 -10.31 28.61 13.83
N HIS A 586 -9.26 29.18 13.23
CA HIS A 586 -8.42 30.13 13.91
C HIS A 586 -9.13 31.44 14.20
N THR A 587 -9.98 31.91 13.29
CA THR A 587 -10.70 33.17 13.45
C THR A 587 -12.00 32.94 14.25
N GLN A 588 -12.69 31.80 14.09
CA GLN A 588 -13.87 31.51 14.93
C GLN A 588 -13.50 30.98 16.36
N GLY A 589 -12.21 30.96 16.69
CA GLY A 589 -11.67 30.54 17.98
C GLY A 589 -10.80 31.60 18.64
N GLN A 590 -10.47 32.67 17.88
CA GLN A 590 -9.70 33.85 18.25
C GLN A 590 -10.49 34.75 19.20
N ASP A 591 -11.80 34.82 19.00
CA ASP A 591 -12.77 35.59 19.78
C ASP A 591 -12.93 35.08 21.23
N ARG A 592 -12.74 33.76 21.42
CA ARG A 592 -12.87 33.06 22.70
C ARG A 592 -11.49 32.98 23.39
N PHE A 593 -11.12 33.98 24.21
CA PHE A 593 -9.81 33.98 24.86
C PHE A 593 -9.81 34.65 26.25
N VAL A 594 -10.62 34.13 27.21
CA VAL A 594 -10.63 34.73 28.56
C VAL A 594 -9.55 34.11 29.44
N TYR A 595 -8.55 34.90 29.86
CA TYR A 595 -7.45 34.38 30.65
C TYR A 595 -7.54 34.65 32.15
N THR A 596 -7.34 33.59 32.97
CA THR A 596 -7.29 33.69 34.43
C THR A 596 -5.97 33.11 34.96
N CYS A 597 -5.54 33.57 36.14
CA CYS A 597 -4.31 33.11 36.77
C CYS A 597 -4.49 31.66 37.23
N ASN A 598 -3.51 30.80 36.91
CA ASN A 598 -3.52 29.37 37.22
C ASN A 598 -3.37 29.07 38.70
N GLU A 599 -2.76 29.99 39.49
CA GLU A 599 -2.61 29.75 40.92
C GLU A 599 -3.27 30.82 41.81
N CYS A 600 -4.14 31.66 41.24
CA CYS A 600 -4.91 32.63 42.02
C CYS A 600 -6.39 32.70 41.59
N LYS A 601 -6.68 32.29 40.33
CA LYS A 601 -8.00 32.25 39.69
C LYS A 601 -8.56 33.62 39.27
N HIS A 602 -7.86 34.74 39.59
CA HIS A 602 -8.36 36.05 39.16
C HIS A 602 -8.12 36.27 37.68
N HIS A 603 -9.02 36.99 37.02
CA HIS A 603 -8.91 37.30 35.59
C HIS A 603 -7.69 38.20 35.36
N VAL A 604 -6.72 37.72 34.56
CA VAL A 604 -5.52 38.48 34.24
C VAL A 604 -5.44 38.84 32.74
N GLU A 605 -4.95 40.04 32.44
CA GLU A 605 -4.82 40.50 31.06
C GLU A 605 -3.36 40.31 30.60
N THR A 606 -2.40 40.95 31.29
CA THR A 606 -0.98 40.74 31.00
C THR A 606 -0.60 39.48 31.77
N ARG A 607 0.07 38.53 31.11
CA ARG A 607 0.37 37.25 31.75
C ARG A 607 1.73 36.65 31.38
N TRP A 608 2.21 35.69 32.17
CA TRP A 608 3.43 34.98 31.87
C TRP A 608 3.05 33.55 31.45
N HIS A 609 3.34 33.16 30.20
CA HIS A 609 2.98 31.85 29.69
C HIS A 609 4.18 30.91 29.61
N CYS A 610 4.05 29.68 30.15
CA CYS A 610 5.13 28.71 30.10
C CYS A 610 5.27 28.09 28.71
N THR A 611 6.49 28.11 28.14
CA THR A 611 6.74 27.52 26.83
C THR A 611 6.85 25.98 26.84
N VAL A 612 6.93 25.36 28.03
CA VAL A 612 7.05 23.92 28.21
C VAL A 612 5.68 23.27 28.51
N CYS A 613 4.86 23.93 29.32
CA CYS A 613 3.53 23.42 29.68
C CYS A 613 2.51 23.46 28.51
N GLU A 614 1.29 22.93 28.74
CA GLU A 614 0.23 22.97 27.75
C GLU A 614 -0.54 24.29 27.95
N ASP A 615 -0.90 24.59 29.22
CA ASP A 615 -1.60 25.80 29.61
C ASP A 615 -1.11 26.24 30.98
N TYR A 616 -0.28 27.28 31.03
CA TYR A 616 0.25 27.78 32.29
C TYR A 616 0.34 29.32 32.24
N ASP A 617 -0.69 29.98 32.78
CA ASP A 617 -0.79 31.43 32.83
C ASP A 617 -0.88 31.92 34.28
N LEU A 618 0.21 32.47 34.83
CA LEU A 618 0.19 32.93 36.23
C LEU A 618 0.09 34.47 36.37
N CYS A 619 -0.10 34.97 37.62
CA CYS A 619 -0.16 36.41 37.90
C CYS A 619 1.17 37.13 37.51
N ILE A 620 1.21 38.48 37.60
CA ILE A 620 2.38 39.31 37.32
C ILE A 620 3.58 38.91 38.24
N ASN A 621 3.31 38.55 39.50
CA ASN A 621 4.35 38.10 40.43
C ASN A 621 4.84 36.65 40.15
N CYS A 622 6.15 36.40 40.29
CA CYS A 622 6.77 35.08 40.10
C CYS A 622 7.91 34.96 41.16
N SER A 627 8.13 31.20 41.39
CA SER A 627 7.41 29.98 41.77
C SER A 627 7.39 28.90 40.66
N HIS A 628 8.21 29.05 39.60
CA HIS A 628 8.17 28.11 38.51
C HIS A 628 9.54 27.70 37.95
N THR A 629 9.56 26.56 37.25
CA THR A 629 10.75 25.95 36.69
C THR A 629 11.01 26.34 35.23
N HIS A 630 10.06 26.11 34.30
CA HIS A 630 10.25 26.36 32.87
C HIS A 630 10.11 27.84 32.46
N LYS A 631 10.61 28.19 31.25
CA LYS A 631 10.60 29.54 30.68
C LYS A 631 9.21 30.17 30.50
N MET A 632 8.96 31.29 31.18
CA MET A 632 7.70 32.03 31.10
C MET A 632 7.87 33.24 30.14
N VAL A 633 6.79 33.65 29.43
CA VAL A 633 6.88 34.77 28.51
C VAL A 633 5.72 35.79 28.70
N LYS A 634 6.05 37.09 28.72
CA LYS A 634 5.07 38.16 28.93
C LYS A 634 4.18 38.41 27.72
N TRP A 635 2.84 38.25 27.92
CA TRP A 635 1.81 38.46 26.90
C TRP A 635 0.72 39.38 27.47
N ILE B 31 2.24 -37.81 25.11
CA ILE B 31 0.84 -38.07 24.82
C ILE B 31 -0.07 -37.29 25.78
N PHE B 32 -1.27 -36.94 25.31
CA PHE B 32 -2.21 -36.12 26.07
C PHE B 32 -3.32 -36.92 26.72
N LYS B 33 -3.60 -36.61 27.97
CA LYS B 33 -4.71 -37.18 28.72
C LYS B 33 -6.02 -36.54 28.18
N PRO B 34 -7.18 -37.24 28.23
CA PRO B 34 -8.40 -36.62 27.71
C PRO B 34 -8.74 -35.31 28.40
N GLU B 35 -8.35 -35.14 29.68
CA GLU B 35 -8.63 -33.91 30.40
C GLU B 35 -7.75 -32.75 29.97
N GLU B 36 -6.54 -33.03 29.49
CA GLU B 36 -5.66 -31.98 28.96
C GLU B 36 -6.30 -31.46 27.68
N LEU B 37 -6.73 -32.41 26.81
CA LEU B 37 -7.35 -32.18 25.51
C LEU B 37 -8.71 -31.51 25.59
N ARG B 38 -9.51 -31.85 26.59
CA ARG B 38 -10.81 -31.18 26.77
C ARG B 38 -10.51 -29.74 27.21
N GLN B 39 -9.65 -29.58 28.21
CA GLN B 39 -9.28 -28.27 28.74
C GLN B 39 -8.71 -27.31 27.70
N ALA B 40 -7.82 -27.79 26.85
CA ALA B 40 -7.20 -26.95 25.84
C ALA B 40 -8.11 -26.68 24.62
N LEU B 41 -8.67 -27.74 24.01
CA LEU B 41 -9.49 -27.64 22.81
C LEU B 41 -10.93 -27.18 22.99
N MET B 42 -11.58 -27.46 24.14
CA MET B 42 -12.98 -27.06 24.32
C MET B 42 -13.25 -25.57 24.10
N PRO B 43 -12.40 -24.65 24.62
CA PRO B 43 -12.62 -23.22 24.32
C PRO B 43 -12.73 -22.91 22.83
N THR B 44 -11.98 -23.63 21.99
CA THR B 44 -12.05 -23.43 20.53
C THR B 44 -13.41 -23.86 19.99
N LEU B 45 -13.94 -25.01 20.47
CA LEU B 45 -15.25 -25.51 20.05
C LEU B 45 -16.36 -24.61 20.54
N GLU B 46 -16.24 -24.11 21.78
CA GLU B 46 -17.20 -23.18 22.36
C GLU B 46 -17.28 -21.90 21.55
N ALA B 47 -16.15 -21.42 21.01
CA ALA B 47 -16.08 -20.23 20.18
C ALA B 47 -16.87 -20.41 18.89
N LEU B 48 -16.89 -21.64 18.33
CA LEU B 48 -17.65 -21.92 17.11
C LEU B 48 -19.14 -21.89 17.42
N TYR B 49 -19.54 -22.51 18.53
CA TYR B 49 -20.92 -22.57 18.99
C TYR B 49 -21.48 -21.19 19.28
N ARG B 50 -20.64 -20.25 19.76
CA ARG B 50 -21.05 -18.88 20.09
C ARG B 50 -21.53 -18.10 18.89
N GLN B 51 -21.07 -18.44 17.70
CA GLN B 51 -21.49 -17.75 16.47
C GLN B 51 -22.94 -18.06 16.18
N ASP B 52 -23.79 -17.06 16.34
CA ASP B 52 -25.23 -17.19 16.17
C ASP B 52 -25.66 -16.14 15.15
N PRO B 53 -26.38 -16.53 14.09
CA PRO B 53 -26.93 -17.87 13.81
C PRO B 53 -26.03 -18.80 13.01
N GLU B 54 -24.76 -18.38 12.81
CA GLU B 54 -23.78 -19.08 11.98
C GLU B 54 -23.57 -20.54 12.33
N SER B 55 -23.46 -20.87 13.61
CA SER B 55 -23.26 -22.26 14.01
C SER B 55 -24.52 -23.09 13.99
N LEU B 56 -25.72 -22.49 13.95
CA LEU B 56 -26.98 -23.23 14.00
C LEU B 56 -27.14 -24.34 12.95
N PRO B 57 -26.89 -24.15 11.64
CA PRO B 57 -27.00 -25.29 10.70
C PRO B 57 -25.87 -26.33 10.83
N PHE B 58 -25.00 -26.15 11.86
CA PHE B 58 -23.84 -27.03 12.12
C PHE B 58 -23.86 -27.70 13.48
N ARG B 59 -24.70 -27.24 14.41
CA ARG B 59 -24.74 -27.80 15.77
C ARG B 59 -25.27 -29.26 15.86
N GLN B 60 -25.68 -29.85 14.71
CA GLN B 60 -26.29 -31.18 14.55
C GLN B 60 -26.01 -31.76 13.14
N PRO B 61 -26.15 -33.09 12.96
CA PRO B 61 -25.92 -33.67 11.63
C PRO B 61 -26.93 -33.24 10.55
N VAL B 62 -26.46 -33.09 9.31
CA VAL B 62 -27.27 -32.68 8.17
C VAL B 62 -28.32 -33.71 7.83
N ASP B 63 -29.59 -33.32 7.86
CA ASP B 63 -30.68 -34.23 7.54
C ASP B 63 -31.22 -33.89 6.16
N PRO B 64 -30.81 -34.66 5.13
CA PRO B 64 -31.34 -34.43 3.77
C PRO B 64 -32.85 -34.61 3.63
N GLN B 65 -33.51 -35.23 4.63
CA GLN B 65 -34.96 -35.38 4.58
C GLN B 65 -35.64 -34.07 4.96
N LEU B 66 -35.04 -33.30 5.87
CA LEU B 66 -35.58 -32.01 6.26
C LEU B 66 -35.28 -30.98 5.16
N LEU B 67 -34.04 -30.96 4.66
CA LEU B 67 -33.61 -29.98 3.67
C LEU B 67 -34.08 -30.26 2.24
N GLY B 68 -34.49 -31.49 1.94
CA GLY B 68 -34.87 -31.84 0.57
C GLY B 68 -33.65 -31.97 -0.34
N ILE B 69 -32.58 -32.59 0.16
CA ILE B 69 -31.34 -32.73 -0.62
C ILE B 69 -30.84 -34.20 -0.73
N PRO B 70 -31.50 -35.04 -1.55
CA PRO B 70 -31.05 -36.44 -1.72
C PRO B 70 -29.58 -36.58 -2.15
N ASP B 71 -29.15 -35.61 -2.93
CA ASP B 71 -27.82 -35.44 -3.46
C ASP B 71 -26.75 -35.48 -2.36
N TYR B 72 -27.06 -34.92 -1.17
CA TYR B 72 -26.13 -34.72 -0.05
C TYR B 72 -25.15 -35.88 0.21
N PHE B 73 -25.59 -37.04 0.70
CA PHE B 73 -24.68 -38.12 1.09
C PHE B 73 -23.82 -38.71 -0.04
N ASP B 74 -24.20 -38.52 -1.30
CA ASP B 74 -23.37 -38.97 -2.41
C ASP B 74 -22.28 -37.94 -2.74
N ILE B 75 -22.41 -36.68 -2.25
CA ILE B 75 -21.42 -35.63 -2.46
C ILE B 75 -20.50 -35.65 -1.23
N VAL B 76 -21.12 -35.60 -0.02
CA VAL B 76 -20.45 -35.60 1.26
C VAL B 76 -20.38 -37.02 1.77
N LYS B 77 -19.22 -37.62 1.58
CA LYS B 77 -19.00 -39.01 1.94
C LYS B 77 -18.90 -39.18 3.44
N ASN B 78 -18.06 -38.37 4.10
CA ASN B 78 -17.87 -38.42 5.54
C ASN B 78 -18.48 -37.21 6.23
N PRO B 79 -19.76 -37.27 6.61
CA PRO B 79 -20.39 -36.13 7.28
C PRO B 79 -19.77 -35.82 8.64
N MET B 80 -19.88 -34.55 9.06
CA MET B 80 -19.36 -34.09 10.34
C MET B 80 -20.09 -32.85 10.79
N ASP B 81 -20.32 -32.71 12.11
CA ASP B 81 -20.98 -31.54 12.69
C ASP B 81 -20.45 -31.23 14.09
N LEU B 82 -20.83 -30.07 14.64
CA LEU B 82 -20.42 -29.62 15.95
C LEU B 82 -20.77 -30.60 17.06
N SER B 83 -21.99 -31.18 17.06
CA SER B 83 -22.45 -32.15 18.07
C SER B 83 -21.57 -33.39 18.13
N THR B 84 -21.18 -33.91 16.96
CA THR B 84 -20.35 -35.08 16.86
C THR B 84 -18.96 -34.80 17.42
N ILE B 85 -18.41 -33.63 17.10
CA ILE B 85 -17.09 -33.23 17.59
C ILE B 85 -17.13 -33.03 19.12
N LYS B 86 -18.21 -32.42 19.63
CA LYS B 86 -18.35 -32.20 21.07
C LYS B 86 -18.49 -33.53 21.76
N ARG B 87 -19.28 -34.47 21.20
CA ARG B 87 -19.44 -35.82 21.74
C ARG B 87 -18.10 -36.52 21.80
N LYS B 88 -17.35 -36.60 20.70
CA LYS B 88 -16.02 -37.20 20.70
C LYS B 88 -15.09 -36.54 21.76
N LEU B 89 -15.06 -35.19 21.82
CA LEU B 89 -14.24 -34.47 22.79
C LEU B 89 -14.61 -34.75 24.25
N ASP B 90 -15.90 -34.61 24.60
CA ASP B 90 -16.43 -34.87 25.94
C ASP B 90 -16.15 -36.27 26.42
N THR B 91 -16.18 -37.26 25.51
CA THR B 91 -15.93 -38.66 25.86
C THR B 91 -14.46 -39.08 25.74
N GLY B 92 -13.58 -38.18 25.28
CA GLY B 92 -12.16 -38.48 25.14
C GLY B 92 -11.73 -39.30 23.93
N GLN B 93 -12.50 -39.25 22.85
CA GLN B 93 -12.19 -40.03 21.63
C GLN B 93 -11.04 -39.45 20.78
N TYR B 94 -10.58 -38.24 21.10
CA TYR B 94 -9.45 -37.65 20.40
C TYR B 94 -8.23 -37.98 21.26
N GLN B 95 -7.26 -38.67 20.68
CA GLN B 95 -6.05 -39.06 21.42
C GLN B 95 -4.94 -38.02 21.23
N GLU B 96 -4.86 -37.41 20.03
CA GLU B 96 -3.90 -36.39 19.61
C GLU B 96 -4.71 -35.16 19.12
N PRO B 97 -4.21 -33.92 19.33
CA PRO B 97 -5.00 -32.74 18.94
C PRO B 97 -5.40 -32.65 17.48
N TRP B 98 -4.54 -33.13 16.57
CA TRP B 98 -4.85 -33.11 15.14
C TRP B 98 -6.11 -33.89 14.79
N GLN B 99 -6.47 -34.90 15.59
CA GLN B 99 -7.69 -35.70 15.38
C GLN B 99 -8.90 -34.79 15.47
N TYR B 100 -8.90 -33.88 16.44
CA TYR B 100 -9.95 -32.92 16.68
C TYR B 100 -9.96 -31.90 15.57
N VAL B 101 -8.80 -31.27 15.26
CA VAL B 101 -8.73 -30.23 14.23
C VAL B 101 -9.13 -30.77 12.85
N ASP B 102 -8.87 -32.07 12.59
CA ASP B 102 -9.20 -32.67 11.31
C ASP B 102 -10.69 -32.82 11.11
N ASP B 103 -11.42 -33.10 12.20
CA ASP B 103 -12.85 -33.23 12.18
C ASP B 103 -13.52 -31.86 12.01
N VAL B 104 -12.95 -30.80 12.63
CA VAL B 104 -13.48 -29.45 12.49
C VAL B 104 -13.31 -28.97 11.05
N TRP B 105 -12.16 -29.28 10.44
CA TRP B 105 -11.89 -28.92 9.05
C TRP B 105 -12.74 -29.73 8.08
N LEU B 106 -13.06 -30.99 8.44
CA LEU B 106 -13.92 -31.87 7.65
C LEU B 106 -15.30 -31.25 7.54
N MET B 107 -15.89 -30.85 8.66
CA MET B 107 -17.20 -30.23 8.74
C MET B 107 -17.25 -28.95 7.88
N PHE B 108 -16.14 -28.20 7.84
CA PHE B 108 -16.08 -26.97 7.06
C PHE B 108 -15.97 -27.28 5.57
N ASN B 109 -15.09 -28.21 5.21
CA ASN B 109 -14.90 -28.56 3.82
C ASN B 109 -16.12 -29.22 3.21
N ASN B 110 -16.88 -30.01 4.01
CA ASN B 110 -18.11 -30.66 3.56
C ASN B 110 -19.13 -29.61 3.13
N ALA B 111 -19.26 -28.55 3.97
CA ALA B 111 -20.18 -27.43 3.74
C ALA B 111 -19.76 -26.59 2.55
N TRP B 112 -18.44 -26.38 2.39
CA TRP B 112 -17.94 -25.61 1.25
C TRP B 112 -18.12 -26.41 -0.04
N LEU B 113 -17.91 -27.74 0.03
CA LEU B 113 -18.05 -28.62 -1.13
C LEU B 113 -19.51 -28.68 -1.56
N TYR B 114 -20.41 -28.98 -0.62
CA TYR B 114 -21.80 -29.16 -0.97
C TYR B 114 -22.50 -27.90 -1.43
N ASN B 115 -22.34 -26.81 -0.69
CA ASN B 115 -23.09 -25.59 -0.94
C ASN B 115 -22.45 -24.63 -1.91
N ARG B 116 -23.28 -23.84 -2.58
CA ARG B 116 -22.84 -22.83 -3.54
C ARG B 116 -22.16 -21.70 -2.78
N LYS B 117 -21.13 -21.07 -3.38
CA LYS B 117 -20.43 -19.94 -2.76
C LYS B 117 -21.40 -18.78 -2.38
N THR B 118 -22.48 -18.65 -3.14
CA THR B 118 -23.49 -17.62 -2.92
C THR B 118 -24.61 -18.08 -1.98
N SER B 119 -24.40 -19.14 -1.18
CA SER B 119 -25.46 -19.62 -0.27
C SER B 119 -25.24 -19.23 1.17
N ARG B 120 -26.33 -19.10 1.92
CA ARG B 120 -26.30 -18.70 3.33
C ARG B 120 -25.32 -19.54 4.17
N VAL B 121 -25.49 -20.85 4.14
CA VAL B 121 -24.70 -21.78 4.93
C VAL B 121 -23.22 -21.86 4.46
N TYR B 122 -22.92 -21.45 3.21
CA TYR B 122 -21.54 -21.40 2.74
C TYR B 122 -20.85 -20.24 3.45
N LYS B 123 -21.51 -19.06 3.48
CA LYS B 123 -20.99 -17.88 4.15
C LYS B 123 -20.85 -18.16 5.63
N PHE B 124 -21.86 -18.81 6.25
CA PHE B 124 -21.85 -19.20 7.66
C PHE B 124 -20.61 -20.04 7.96
N CYS B 125 -20.32 -21.01 7.10
CA CYS B 125 -19.18 -21.88 7.20
C CYS B 125 -17.87 -21.09 7.15
N SER B 126 -17.77 -20.16 6.20
CA SER B 126 -16.58 -19.34 6.03
C SER B 126 -16.31 -18.48 7.26
N LYS B 127 -17.37 -17.98 7.91
CA LYS B 127 -17.22 -17.18 9.11
C LYS B 127 -16.70 -18.07 10.24
N LEU B 128 -17.34 -19.24 10.48
CA LEU B 128 -16.93 -20.19 11.50
C LEU B 128 -15.46 -20.61 11.30
N ALA B 129 -15.05 -20.76 10.05
CA ALA B 129 -13.68 -21.12 9.75
C ALA B 129 -12.70 -20.03 10.12
N GLU B 130 -13.10 -18.78 9.98
CA GLU B 130 -12.24 -17.65 10.33
C GLU B 130 -12.01 -17.62 11.85
N VAL B 131 -13.06 -17.86 12.60
CA VAL B 131 -13.02 -17.93 14.04
C VAL B 131 -12.13 -19.11 14.47
N PHE B 132 -12.30 -20.26 13.81
CA PHE B 132 -11.51 -21.43 14.16
C PHE B 132 -10.05 -21.20 13.91
N GLU B 133 -9.70 -20.52 12.81
CA GLU B 133 -8.33 -20.23 12.47
C GLU B 133 -7.64 -19.41 13.57
N GLN B 134 -8.24 -18.28 13.98
CA GLN B 134 -7.61 -17.47 15.01
C GLN B 134 -7.67 -18.09 16.41
N GLU B 135 -8.56 -19.09 16.64
CA GLU B 135 -8.63 -19.70 17.97
C GLU B 135 -7.74 -20.93 18.10
N ILE B 136 -7.67 -21.77 17.07
CA ILE B 136 -6.93 -23.02 17.16
C ILE B 136 -5.43 -22.82 17.05
N ASP B 137 -4.97 -21.77 16.35
CA ASP B 137 -3.53 -21.55 16.20
C ASP B 137 -2.82 -21.39 17.55
N PRO B 138 -3.19 -20.44 18.42
CA PRO B 138 -2.50 -20.33 19.72
C PRO B 138 -2.68 -21.56 20.60
N VAL B 139 -3.81 -22.27 20.45
CA VAL B 139 -4.09 -23.46 21.24
C VAL B 139 -3.15 -24.59 20.86
N MET B 140 -2.99 -24.84 19.56
CA MET B 140 -2.07 -25.87 19.08
C MET B 140 -0.63 -25.50 19.46
N GLN B 141 -0.29 -24.22 19.36
CA GLN B 141 1.03 -23.71 19.72
C GLN B 141 1.34 -23.90 21.20
N SER B 142 0.33 -23.77 22.05
CA SER B 142 0.51 -24.01 23.49
C SER B 142 0.69 -25.52 23.80
N LEU B 143 0.22 -26.40 22.91
CA LEU B 143 0.40 -27.84 23.03
C LEU B 143 1.72 -28.34 22.37
N GLY B 144 2.55 -27.42 21.86
CA GLY B 144 3.81 -27.77 21.23
C GLY B 144 3.73 -27.97 19.74
N TYR B 145 2.64 -27.50 19.10
CA TYR B 145 2.45 -27.64 17.67
C TYR B 145 2.72 -26.36 16.88
N CYS B 146 2.88 -26.50 15.57
CA CYS B 146 3.18 -25.39 14.70
C CYS B 146 1.97 -24.48 14.51
N CYS B 147 0.77 -25.10 14.36
CA CYS B 147 -0.50 -24.43 14.08
C CYS B 147 -1.63 -25.49 14.03
N GLY B 148 -2.85 -25.07 13.70
CA GLY B 148 -3.99 -25.96 13.56
C GLY B 148 -4.70 -25.80 12.23
N ARG B 149 -3.94 -25.74 11.13
CA ARG B 149 -4.52 -25.54 9.82
C ARG B 149 -4.53 -26.75 8.95
N LYS B 150 -5.52 -26.85 8.07
CA LYS B 150 -5.54 -27.88 7.05
C LYS B 150 -5.11 -27.11 5.80
N TYR B 151 -3.93 -27.48 5.28
CA TYR B 151 -3.31 -26.82 4.15
C TYR B 151 -3.29 -27.67 2.88
N GLU B 152 -3.69 -27.08 1.76
CA GLU B 152 -3.66 -27.77 0.48
C GLU B 152 -2.95 -26.87 -0.55
N PHE B 153 -2.21 -27.48 -1.48
CA PHE B 153 -1.48 -26.73 -2.49
C PHE B 153 -2.39 -26.21 -3.60
N SER B 154 -2.08 -25.01 -4.12
CA SER B 154 -2.81 -24.29 -5.17
C SER B 154 -3.12 -25.16 -6.43
N PRO B 155 -4.10 -24.76 -7.27
CA PRO B 155 -4.46 -25.59 -8.43
C PRO B 155 -3.34 -25.97 -9.42
N GLN B 156 -3.36 -27.23 -9.85
CA GLN B 156 -2.39 -27.79 -10.80
C GLN B 156 -2.85 -27.55 -12.27
N THR B 157 -2.34 -28.35 -13.25
CA THR B 157 -2.62 -28.26 -14.69
C THR B 157 -4.11 -28.27 -15.06
N ASP B 220 -10.33 -33.64 -9.64
CA ASP B 220 -11.09 -32.59 -8.97
C ASP B 220 -10.55 -32.26 -7.55
N THR B 221 -9.71 -33.15 -6.97
CA THR B 221 -9.15 -32.98 -5.62
C THR B 221 -7.79 -32.25 -5.62
N LEU B 222 -7.46 -31.56 -4.50
CA LEU B 222 -6.17 -30.86 -4.36
C LEU B 222 -5.10 -31.72 -3.66
N ASP B 223 -3.82 -31.34 -3.83
CA ASP B 223 -2.73 -32.06 -3.18
C ASP B 223 -2.51 -31.48 -1.79
N PRO B 224 -2.42 -32.33 -0.77
CA PRO B 224 -2.26 -31.82 0.60
C PRO B 224 -0.84 -31.41 0.94
N GLU B 225 -0.70 -30.56 1.97
CA GLU B 225 0.62 -30.16 2.46
C GLU B 225 1.28 -31.33 3.20
N PRO B 226 2.61 -31.41 3.18
CA PRO B 226 3.29 -32.55 3.82
C PRO B 226 3.43 -32.45 5.33
N PHE B 227 3.59 -33.60 5.98
CA PHE B 227 3.76 -33.64 7.43
C PHE B 227 5.07 -34.30 7.82
N VAL B 228 5.51 -34.05 9.07
CA VAL B 228 6.72 -34.65 9.60
C VAL B 228 6.55 -34.85 11.11
N ASP B 229 6.75 -36.09 11.59
CA ASP B 229 6.61 -36.38 13.01
C ASP B 229 7.92 -36.12 13.72
N CYS B 230 7.85 -35.52 14.90
CA CYS B 230 9.05 -35.28 15.69
C CYS B 230 9.55 -36.64 16.19
N LYS B 231 10.86 -36.92 16.05
CA LYS B 231 11.40 -38.21 16.43
C LYS B 231 11.31 -38.46 17.93
N GLU B 232 11.62 -37.47 18.76
CA GLU B 232 11.56 -37.62 20.20
C GLU B 232 10.12 -37.61 20.73
N CYS B 233 9.35 -36.61 20.29
CA CYS B 233 7.97 -36.29 20.64
C CYS B 233 6.96 -37.29 20.10
N GLY B 234 7.07 -37.55 18.81
CA GLY B 234 6.09 -38.33 18.06
C GLY B 234 4.99 -37.46 17.47
N ARG B 235 5.01 -36.13 17.74
CA ARG B 235 3.96 -35.23 17.28
C ARG B 235 4.12 -34.75 15.83
N LYS B 236 3.00 -34.84 15.09
CA LYS B 236 2.85 -34.52 13.67
C LYS B 236 2.78 -33.03 13.46
N MET B 237 3.66 -32.50 12.61
CA MET B 237 3.70 -31.07 12.33
C MET B 237 3.84 -30.79 10.83
N HIS B 238 3.39 -29.62 10.35
CA HIS B 238 3.50 -29.28 8.92
C HIS B 238 4.98 -29.10 8.59
N GLN B 239 5.48 -29.78 7.55
CA GLN B 239 6.87 -29.69 7.13
C GLN B 239 7.24 -28.26 6.72
N ILE B 240 6.32 -27.57 6.05
CA ILE B 240 6.55 -26.20 5.64
C ILE B 240 6.59 -25.24 6.86
N CYS B 241 5.82 -25.57 7.92
CA CYS B 241 5.75 -24.81 9.16
C CYS B 241 7.08 -24.89 9.89
N VAL B 242 7.59 -26.10 10.05
CA VAL B 242 8.83 -26.33 10.79
C VAL B 242 10.10 -26.13 9.96
N LEU B 243 9.96 -26.08 8.62
CA LEU B 243 11.07 -25.94 7.68
C LEU B 243 12.11 -27.04 7.88
N HIS B 244 11.62 -28.28 7.94
CA HIS B 244 12.52 -29.41 8.06
C HIS B 244 12.62 -30.10 6.72
N TYR B 245 13.83 -30.50 6.35
CA TYR B 245 14.07 -31.22 5.11
C TYR B 245 15.07 -32.29 5.47
N ASP B 246 14.74 -33.56 5.17
CA ASP B 246 15.64 -34.67 5.41
C ASP B 246 17.01 -34.46 4.76
N ILE B 247 17.08 -33.93 3.53
CA ILE B 247 18.38 -33.71 2.87
C ILE B 247 19.37 -32.89 3.73
N ILE B 248 18.85 -31.85 4.40
CA ILE B 248 19.64 -30.97 5.24
C ILE B 248 19.92 -31.62 6.56
N TRP B 249 18.89 -32.16 7.22
CA TRP B 249 19.02 -32.83 8.51
C TRP B 249 18.64 -34.28 8.30
N PRO B 250 19.60 -35.14 7.88
CA PRO B 250 19.27 -36.53 7.57
C PRO B 250 18.94 -37.40 8.76
N SER B 251 19.40 -37.00 9.96
CA SER B 251 19.09 -37.73 11.18
C SER B 251 17.61 -37.62 11.62
N GLY B 252 16.78 -36.95 10.81
CA GLY B 252 15.36 -36.81 11.10
C GLY B 252 15.00 -35.50 11.77
N PHE B 253 13.70 -35.28 12.02
CA PHE B 253 13.19 -34.04 12.62
C PHE B 253 12.99 -34.08 14.12
N VAL B 254 13.53 -33.08 14.83
CA VAL B 254 13.31 -32.91 16.25
C VAL B 254 12.73 -31.52 16.51
N CYS B 255 11.55 -31.42 17.14
CA CYS B 255 10.88 -30.13 17.43
C CYS B 255 11.72 -29.24 18.34
N ASP B 256 11.47 -27.93 18.30
CA ASP B 256 12.22 -26.96 19.09
C ASP B 256 12.14 -27.23 20.59
N ASN B 257 11.01 -27.76 21.06
CA ASN B 257 10.83 -28.07 22.48
C ASN B 257 11.71 -29.23 22.91
N CYS B 258 11.83 -30.28 22.08
CA CYS B 258 12.70 -31.41 22.40
C CYS B 258 14.17 -31.00 22.33
N LEU B 259 14.51 -30.04 21.44
CA LEU B 259 15.85 -29.50 21.32
C LEU B 259 16.25 -28.73 22.57
N LYS B 260 15.29 -28.06 23.23
CA LYS B 260 15.52 -27.34 24.50
C LYS B 260 15.88 -28.37 25.57
N LYS B 261 15.12 -29.48 25.63
CA LYS B 261 15.33 -30.58 26.57
C LYS B 261 16.72 -31.24 26.38
N THR B 262 17.20 -31.29 25.13
CA THR B 262 18.53 -31.81 24.82
C THR B 262 19.58 -30.84 25.40
N GLY B 263 19.37 -29.54 25.14
CA GLY B 263 20.26 -28.48 25.58
C GLY B 263 20.99 -27.85 24.40
N ARG B 264 21.30 -28.66 23.38
CA ARG B 264 22.01 -28.22 22.19
C ARG B 264 21.07 -27.65 21.13
N PRO B 265 21.56 -26.73 20.26
CA PRO B 265 20.69 -26.17 19.22
C PRO B 265 20.54 -27.06 17.97
N ARG B 266 19.64 -26.70 17.05
CA ARG B 266 19.46 -27.47 15.81
C ARG B 266 20.68 -27.25 14.95
N LYS B 267 21.23 -28.31 14.33
CA LYS B 267 22.44 -28.17 13.52
C LYS B 267 22.23 -27.25 12.30
N GLU B 268 23.31 -26.54 11.95
CA GLU B 268 23.41 -25.53 10.89
C GLU B 268 22.95 -25.97 9.51
N ASN B 269 22.13 -25.13 8.86
CA ASN B 269 21.70 -25.41 7.49
C ASN B 269 22.86 -25.00 6.59
N LYS B 270 23.67 -25.97 6.15
CA LYS B 270 24.82 -25.66 5.28
C LYS B 270 24.45 -25.47 3.80
N PHE B 271 23.16 -25.57 3.46
CA PHE B 271 22.68 -25.33 2.09
C PHE B 271 22.06 -23.94 2.04
N SER B 272 22.75 -22.97 2.63
CA SER B 272 22.28 -21.60 2.72
C SER B 272 22.60 -20.78 1.49
N ALA B 273 21.88 -19.68 1.31
CA ALA B 273 22.10 -18.76 0.21
C ALA B 273 23.50 -18.16 0.33
N LYS B 274 23.94 -17.84 1.57
CA LYS B 274 25.26 -17.29 1.85
C LYS B 274 26.36 -18.26 1.39
N ARG B 275 26.14 -19.57 1.59
CA ARG B 275 27.11 -20.58 1.22
C ARG B 275 27.12 -20.95 -0.27
N LEU B 276 26.20 -20.40 -1.07
CA LEU B 276 26.20 -20.63 -2.51
C LEU B 276 27.44 -19.96 -3.11
N GLN B 277 27.98 -20.51 -4.21
CA GLN B 277 29.17 -20.02 -4.90
C GLN B 277 29.17 -18.50 -5.10
N THR B 278 30.17 -17.85 -4.52
CA THR B 278 30.34 -16.41 -4.60
C THR B 278 30.97 -15.99 -5.94
N THR B 279 30.37 -14.99 -6.61
CA THR B 279 30.88 -14.44 -7.87
C THR B 279 31.12 -12.94 -7.70
N ARG B 280 32.12 -12.35 -8.38
CA ARG B 280 32.40 -10.92 -8.32
C ARG B 280 31.20 -10.05 -8.74
N LEU B 281 30.34 -10.56 -9.65
CA LEU B 281 29.12 -9.86 -10.09
C LEU B 281 28.12 -9.87 -8.94
N GLY B 282 27.87 -11.04 -8.36
CA GLY B 282 26.96 -11.17 -7.23
C GLY B 282 27.43 -10.35 -6.05
N ASN B 283 28.74 -10.39 -5.78
CA ASN B 283 29.40 -9.64 -4.71
C ASN B 283 29.18 -8.17 -4.93
N HIS B 284 29.34 -7.68 -6.16
CA HIS B 284 29.12 -6.28 -6.47
C HIS B 284 27.67 -5.85 -6.14
N LEU B 285 26.66 -6.64 -6.57
CA LEU B 285 25.25 -6.29 -6.32
C LEU B 285 24.87 -6.44 -4.85
N GLU B 286 25.49 -7.40 -4.16
CA GLU B 286 25.23 -7.67 -2.75
C GLU B 286 25.82 -6.54 -1.92
N ASP B 287 27.05 -6.13 -2.20
CA ASP B 287 27.69 -5.05 -1.46
C ASP B 287 26.94 -3.73 -1.64
N ARG B 288 26.53 -3.42 -2.87
CA ARG B 288 25.80 -2.18 -3.14
C ARG B 288 24.42 -2.18 -2.48
N VAL B 289 23.76 -3.34 -2.43
CA VAL B 289 22.44 -3.43 -1.83
C VAL B 289 22.51 -3.55 -0.29
N ASN B 290 23.67 -3.93 0.28
CA ASN B 290 23.85 -4.07 1.73
C ASN B 290 24.38 -2.79 2.35
N LYS B 291 25.26 -2.07 1.63
CA LYS B 291 25.75 -0.79 2.13
C LYS B 291 24.61 0.27 2.07
N PHE B 292 23.64 0.10 1.14
CA PHE B 292 22.47 0.96 1.01
C PHE B 292 21.57 0.75 2.22
N LEU B 293 21.38 -0.51 2.64
CA LEU B 293 20.52 -0.83 3.77
C LEU B 293 21.12 -0.35 5.10
N ARG B 294 22.45 -0.37 5.23
CA ARG B 294 23.13 0.11 6.43
C ARG B 294 22.90 1.61 6.65
N ARG B 295 22.80 2.38 5.55
CA ARG B 295 22.52 3.82 5.60
C ARG B 295 21.08 4.09 6.07
N GLN B 296 20.14 3.15 5.82
CA GLN B 296 18.72 3.30 6.15
C GLN B 296 18.35 3.02 7.61
N ASN B 297 19.20 2.31 8.36
CA ASN B 297 19.00 1.99 9.78
C ASN B 297 17.67 1.26 10.09
N HIS B 298 17.18 0.43 9.15
CA HIS B 298 15.92 -0.27 9.36
C HIS B 298 16.09 -1.53 10.20
N PRO B 299 15.36 -1.60 11.33
CA PRO B 299 15.49 -2.78 12.20
C PRO B 299 14.84 -4.04 11.63
N GLU B 300 13.77 -3.89 10.85
CA GLU B 300 13.07 -5.02 10.23
C GLU B 300 13.90 -5.63 9.07
N ALA B 301 14.83 -4.85 8.48
CA ALA B 301 15.66 -5.29 7.38
C ALA B 301 16.68 -6.32 7.81
N GLY B 302 16.85 -7.33 6.98
CA GLY B 302 17.83 -8.39 7.20
C GLY B 302 18.84 -8.46 6.09
N GLU B 303 20.00 -9.10 6.36
CA GLU B 303 21.09 -9.22 5.38
C GLU B 303 20.64 -9.81 4.05
N VAL B 304 21.03 -9.16 2.95
CA VAL B 304 20.68 -9.59 1.60
C VAL B 304 21.88 -10.26 0.94
N PHE B 305 21.62 -11.35 0.19
CA PHE B 305 22.62 -12.13 -0.54
C PHE B 305 22.25 -12.15 -2.00
N VAL B 306 23.17 -11.75 -2.86
CA VAL B 306 22.95 -11.80 -4.29
C VAL B 306 23.90 -12.84 -4.84
N ARG B 307 23.37 -13.88 -5.47
CA ARG B 307 24.20 -14.95 -5.99
C ARG B 307 23.89 -15.20 -7.44
N VAL B 308 24.93 -15.31 -8.28
CA VAL B 308 24.76 -15.70 -9.66
C VAL B 308 24.82 -17.22 -9.58
N VAL B 309 23.69 -17.89 -9.87
CA VAL B 309 23.53 -19.33 -9.70
C VAL B 309 23.79 -20.15 -10.96
N ALA B 310 23.83 -19.51 -12.14
CA ALA B 310 24.13 -20.17 -13.41
C ALA B 310 24.67 -19.14 -14.39
N SER B 311 25.62 -19.54 -15.21
CA SER B 311 26.31 -18.69 -16.17
C SER B 311 26.75 -19.65 -17.29
N SER B 312 26.28 -19.44 -18.52
CA SER B 312 26.61 -20.31 -19.66
C SER B 312 26.77 -19.54 -20.98
N ASP B 313 27.39 -20.14 -22.00
CA ASP B 313 27.57 -19.48 -23.29
C ASP B 313 26.65 -20.02 -24.34
N LYS B 314 25.78 -19.16 -24.86
CA LYS B 314 24.78 -19.56 -25.85
C LYS B 314 24.89 -18.67 -27.10
N THR B 315 24.03 -18.90 -28.10
CA THR B 315 23.99 -18.10 -29.31
C THR B 315 22.55 -17.87 -29.73
N VAL B 316 22.24 -16.67 -30.22
CA VAL B 316 20.91 -16.37 -30.71
C VAL B 316 20.91 -16.53 -32.23
N GLU B 317 20.20 -17.54 -32.73
CA GLU B 317 20.14 -17.81 -34.17
C GLU B 317 19.30 -16.75 -34.88
N VAL B 318 19.69 -16.40 -36.10
CA VAL B 318 18.94 -15.42 -36.88
C VAL B 318 17.78 -16.12 -37.58
N LYS B 319 16.55 -15.64 -37.36
CA LYS B 319 15.32 -16.25 -37.86
C LYS B 319 15.25 -16.23 -39.39
N PRO B 320 14.68 -17.30 -39.99
CA PRO B 320 14.71 -17.51 -41.45
C PRO B 320 14.47 -16.31 -42.40
N GLY B 321 13.53 -15.43 -42.08
CA GLY B 321 13.23 -14.28 -42.92
C GLY B 321 14.37 -13.30 -42.97
N MET B 322 14.93 -13.01 -41.80
CA MET B 322 16.07 -12.12 -41.63
C MET B 322 17.37 -12.76 -42.15
N LYS B 323 17.47 -14.10 -42.07
CA LYS B 323 18.60 -14.90 -42.55
C LYS B 323 18.70 -14.73 -44.07
N SER B 324 17.57 -14.84 -44.76
CA SER B 324 17.49 -14.70 -46.20
C SER B 324 17.91 -13.28 -46.60
N ARG B 325 17.42 -12.28 -45.86
CA ARG B 325 17.70 -10.88 -46.12
C ARG B 325 19.14 -10.41 -45.79
N PHE B 326 19.81 -10.99 -44.78
CA PHE B 326 21.12 -10.48 -44.38
C PHE B 326 22.28 -11.49 -44.23
N VAL B 327 22.03 -12.79 -43.90
CA VAL B 327 23.17 -13.71 -43.74
C VAL B 327 23.66 -14.27 -45.09
N ASP B 328 22.78 -14.35 -46.10
CA ASP B 328 23.18 -14.81 -47.43
C ASP B 328 24.17 -13.81 -48.02
N SER B 329 23.87 -12.50 -47.87
CA SER B 329 24.71 -11.40 -48.34
C SER B 329 26.00 -11.24 -47.52
N GLY B 330 25.99 -11.71 -46.27
CA GLY B 330 27.11 -11.58 -45.35
C GLY B 330 27.11 -10.26 -44.59
N GLU B 331 26.01 -9.50 -44.65
CA GLU B 331 25.87 -8.20 -43.98
C GLU B 331 25.72 -8.34 -42.47
N MET B 332 25.19 -9.47 -42.00
CA MET B 332 25.07 -9.70 -40.57
C MET B 332 25.18 -11.22 -40.27
N SER B 333 25.75 -11.55 -39.09
CA SER B 333 26.05 -12.93 -38.69
C SER B 333 24.84 -13.88 -38.68
N GLU B 334 25.12 -15.19 -38.67
CA GLU B 334 24.11 -16.26 -38.64
C GLU B 334 23.57 -16.41 -37.22
N SER B 335 24.44 -16.28 -36.22
CA SER B 335 24.09 -16.30 -34.81
C SER B 335 25.01 -15.40 -34.02
N PHE B 336 24.48 -14.83 -32.96
CA PHE B 336 25.22 -13.90 -32.11
C PHE B 336 25.56 -14.53 -30.75
N PRO B 337 26.86 -14.59 -30.42
CA PRO B 337 27.27 -15.22 -29.18
C PRO B 337 27.14 -14.38 -27.91
N TYR B 338 26.36 -14.86 -26.95
CA TYR B 338 26.18 -14.17 -25.69
C TYR B 338 26.36 -15.11 -24.51
N ARG B 339 26.61 -14.53 -23.34
CA ARG B 339 26.73 -15.29 -22.13
C ARG B 339 25.49 -14.95 -21.34
N THR B 340 24.72 -15.97 -20.96
CA THR B 340 23.53 -15.75 -20.15
C THR B 340 23.84 -16.02 -18.68
N LYS B 341 23.34 -15.14 -17.80
CA LYS B 341 23.56 -15.29 -16.38
C LYS B 341 22.21 -15.26 -15.63
N ALA B 342 22.07 -16.11 -14.63
CA ALA B 342 20.86 -16.18 -13.83
C ALA B 342 21.25 -15.84 -12.40
N LEU B 343 20.76 -14.72 -11.86
CA LEU B 343 21.12 -14.33 -10.49
C LEU B 343 19.90 -14.14 -9.60
N PHE B 344 20.03 -14.47 -8.31
CA PHE B 344 18.92 -14.36 -7.38
C PHE B 344 19.26 -13.54 -6.14
N ALA B 345 18.24 -12.93 -5.54
CA ALA B 345 18.40 -12.14 -4.33
C ALA B 345 17.69 -12.84 -3.18
N PHE B 346 18.35 -12.93 -2.03
CA PHE B 346 17.81 -13.60 -0.87
C PHE B 346 17.92 -12.70 0.31
N GLU B 347 16.87 -12.64 1.14
CA GLU B 347 16.91 -11.85 2.34
C GLU B 347 16.63 -12.72 3.53
N GLU B 348 17.37 -12.52 4.63
CA GLU B 348 17.10 -13.26 5.85
C GLU B 348 15.82 -12.68 6.45
N ILE B 349 14.79 -13.51 6.65
CA ILE B 349 13.51 -13.13 7.23
C ILE B 349 13.18 -14.17 8.30
N ASP B 350 13.00 -13.73 9.55
CA ASP B 350 12.73 -14.62 10.65
C ASP B 350 13.82 -15.68 10.84
N GLY B 351 15.06 -15.29 10.56
CA GLY B 351 16.23 -16.14 10.71
C GLY B 351 16.48 -17.11 9.57
N VAL B 352 15.62 -17.12 8.52
CA VAL B 352 15.79 -18.03 7.37
C VAL B 352 15.92 -17.30 6.04
N ASP B 353 16.51 -17.96 5.03
CA ASP B 353 16.64 -17.40 3.69
C ASP B 353 15.29 -17.36 3.01
N VAL B 354 15.00 -16.25 2.32
CA VAL B 354 13.76 -16.06 1.57
C VAL B 354 14.16 -15.42 0.25
N CYS B 355 13.91 -16.11 -0.85
CA CYS B 355 14.24 -15.59 -2.17
C CYS B 355 13.13 -14.64 -2.58
N PHE B 356 13.49 -13.40 -2.93
CA PHE B 356 12.48 -12.39 -3.27
C PHE B 356 12.66 -11.77 -4.65
N PHE B 357 13.76 -12.07 -5.36
CA PHE B 357 14.05 -11.50 -6.67
C PHE B 357 14.92 -12.43 -7.51
N GLY B 358 14.68 -12.46 -8.81
CA GLY B 358 15.39 -13.28 -9.75
C GLY B 358 15.54 -12.57 -11.07
N MET B 359 16.70 -12.69 -11.73
CA MET B 359 16.94 -11.99 -12.98
C MET B 359 17.77 -12.80 -13.93
N HIS B 360 17.37 -12.79 -15.21
CA HIS B 360 18.06 -13.46 -16.29
C HIS B 360 18.55 -12.41 -17.30
N VAL B 361 19.86 -12.34 -17.51
CA VAL B 361 20.43 -11.38 -18.45
C VAL B 361 21.16 -12.09 -19.59
N GLN B 362 21.42 -11.35 -20.67
CA GLN B 362 22.19 -11.78 -21.83
C GLN B 362 23.31 -10.76 -21.99
N GLU B 363 24.52 -11.22 -22.23
CA GLU B 363 25.67 -10.32 -22.36
C GLU B 363 26.44 -10.57 -23.66
N TYR B 364 26.40 -9.61 -24.56
CA TYR B 364 27.05 -9.69 -25.86
C TYR B 364 28.40 -8.98 -25.83
N GLY B 365 29.47 -9.75 -25.83
CA GLY B 365 30.84 -9.27 -25.67
C GLY B 365 31.52 -8.50 -26.78
N SER B 366 32.85 -8.31 -26.62
CA SER B 366 33.73 -7.57 -27.52
C SER B 366 33.89 -8.28 -28.85
N ASP B 367 33.99 -9.61 -28.82
CA ASP B 367 34.11 -10.38 -30.06
C ASP B 367 32.76 -10.69 -30.73
N CYS B 368 31.68 -10.05 -30.27
CA CYS B 368 30.38 -10.26 -30.88
C CYS B 368 30.27 -9.34 -32.06
N PRO B 369 29.89 -9.88 -33.23
CA PRO B 369 29.74 -9.00 -34.40
C PRO B 369 28.55 -8.04 -34.25
N PRO B 370 28.59 -6.89 -34.95
CA PRO B 370 27.43 -5.99 -34.92
C PRO B 370 26.17 -6.70 -35.44
N PRO B 371 24.99 -6.29 -34.95
CA PRO B 371 24.73 -5.10 -34.14
C PRO B 371 24.67 -5.27 -32.63
N ASN B 372 25.23 -6.36 -32.08
CA ASN B 372 25.14 -6.62 -30.64
C ASN B 372 26.42 -6.38 -29.86
N THR B 373 27.49 -5.92 -30.50
CA THR B 373 28.77 -5.73 -29.80
C THR B 373 28.64 -4.88 -28.52
N ARG B 374 29.25 -5.37 -27.42
CA ARG B 374 29.32 -4.73 -26.11
C ARG B 374 27.96 -4.26 -25.61
N ARG B 375 27.00 -5.19 -25.56
CA ARG B 375 25.65 -4.88 -25.10
C ARG B 375 25.15 -5.87 -24.07
N VAL B 376 24.34 -5.40 -23.15
CA VAL B 376 23.68 -6.25 -22.14
C VAL B 376 22.17 -6.09 -22.29
N TYR B 377 21.42 -7.17 -22.11
CA TYR B 377 19.95 -7.17 -22.25
C TYR B 377 19.26 -7.97 -21.14
N ILE B 378 18.32 -7.35 -20.40
CA ILE B 378 17.58 -8.03 -19.33
C ILE B 378 16.49 -8.88 -19.96
N SER B 379 16.75 -10.17 -20.14
CA SER B 379 15.77 -11.07 -20.73
C SER B 379 14.59 -11.25 -19.78
N TYR B 380 14.84 -11.70 -18.53
CA TYR B 380 13.78 -11.89 -17.52
C TYR B 380 14.08 -11.18 -16.21
N LEU B 381 13.03 -10.87 -15.49
CA LEU B 381 13.11 -10.20 -14.20
C LEU B 381 11.83 -10.63 -13.45
N ASP B 382 11.97 -11.08 -12.22
CA ASP B 382 10.80 -11.51 -11.44
C ASP B 382 11.05 -11.35 -9.94
N SER B 383 9.98 -11.25 -9.16
CA SER B 383 10.11 -11.04 -7.72
C SER B 383 8.88 -11.46 -6.93
N ILE B 384 9.06 -11.65 -5.61
CA ILE B 384 7.99 -11.92 -4.64
C ILE B 384 8.13 -10.89 -3.49
N HIS B 385 7.10 -10.06 -3.29
CA HIS B 385 7.04 -8.91 -2.36
C HIS B 385 7.27 -9.13 -0.85
N PHE B 386 7.77 -10.30 -0.42
CA PHE B 386 7.98 -10.53 1.01
C PHE B 386 9.25 -9.90 1.55
N PHE B 387 9.91 -8.98 0.80
CA PHE B 387 11.11 -8.32 1.29
C PHE B 387 10.74 -7.47 2.49
N ARG B 388 11.40 -7.70 3.61
CA ARG B 388 11.14 -6.94 4.83
C ARG B 388 12.27 -5.95 5.10
N PRO B 389 11.94 -4.66 5.28
CA PRO B 389 10.59 -4.08 5.27
C PRO B 389 10.07 -3.73 3.87
N ARG B 390 8.75 -3.62 3.68
CA ARG B 390 8.20 -3.22 2.36
C ARG B 390 8.62 -1.80 1.91
N CYS B 391 9.09 -0.98 2.86
N CYS B 391 9.09 -0.98 2.86
CA CYS B 391 9.53 0.40 2.67
CA CYS B 391 9.53 0.40 2.67
C CYS B 391 10.74 0.47 1.76
C CYS B 391 10.74 0.47 1.76
N LEU B 392 11.65 -0.51 1.84
CA LEU B 392 12.87 -0.49 1.02
C LEU B 392 12.91 -1.53 -0.10
N ARG B 393 11.77 -2.22 -0.38
CA ARG B 393 11.77 -3.27 -1.40
C ARG B 393 12.09 -2.75 -2.81
N THR B 394 11.33 -1.77 -3.33
CA THR B 394 11.56 -1.20 -4.65
C THR B 394 12.90 -0.48 -4.75
N ALA B 395 13.36 0.09 -3.63
CA ALA B 395 14.66 0.75 -3.53
C ALA B 395 15.78 -0.30 -3.69
N VAL B 396 15.61 -1.47 -3.06
CA VAL B 396 16.56 -2.58 -3.12
C VAL B 396 16.57 -3.20 -4.54
N TYR B 397 15.38 -3.32 -5.18
CA TYR B 397 15.29 -3.80 -6.56
C TYR B 397 16.09 -2.85 -7.48
N HIS B 398 15.91 -1.55 -7.27
CA HIS B 398 16.61 -0.52 -8.03
C HIS B 398 18.11 -0.58 -7.81
N GLU B 399 18.55 -0.80 -6.56
CA GLU B 399 19.97 -0.92 -6.25
C GLU B 399 20.61 -2.11 -6.96
N ILE B 400 19.86 -3.22 -7.09
CA ILE B 400 20.32 -4.41 -7.79
C ILE B 400 20.50 -4.10 -9.27
N LEU B 401 19.46 -3.52 -9.91
CA LEU B 401 19.53 -3.18 -11.33
C LEU B 401 20.64 -2.19 -11.62
N ILE B 402 20.75 -1.12 -10.80
CA ILE B 402 21.80 -0.08 -10.94
C ILE B 402 23.22 -0.67 -10.74
N GLY B 403 23.33 -1.62 -9.82
CA GLY B 403 24.60 -2.31 -9.56
C GLY B 403 25.02 -3.16 -10.74
N TYR B 404 24.05 -3.74 -11.45
CA TYR B 404 24.31 -4.56 -12.62
C TYR B 404 24.82 -3.67 -13.73
N LEU B 405 24.16 -2.53 -13.96
CA LEU B 405 24.57 -1.56 -14.99
C LEU B 405 25.96 -0.99 -14.70
N GLU B 406 26.29 -0.80 -13.43
CA GLU B 406 27.59 -0.31 -12.97
C GLU B 406 28.70 -1.35 -13.19
N TYR B 407 28.42 -2.63 -12.86
CA TYR B 407 29.39 -3.70 -13.02
C TYR B 407 29.69 -3.97 -14.51
N VAL B 408 28.65 -4.02 -15.36
CA VAL B 408 28.87 -4.25 -16.79
C VAL B 408 29.58 -3.05 -17.45
N LYS B 409 29.38 -1.82 -16.91
CA LYS B 409 30.06 -0.66 -17.44
C LYS B 409 31.55 -0.77 -17.19
N LYS B 410 31.94 -1.12 -15.95
CA LYS B 410 33.37 -1.21 -15.64
C LYS B 410 34.04 -2.38 -16.36
N LEU B 411 33.28 -3.42 -16.76
CA LEU B 411 33.84 -4.53 -17.52
C LEU B 411 34.13 -4.15 -18.99
N GLY B 412 33.36 -3.22 -19.52
CA GLY B 412 33.55 -2.76 -20.90
C GLY B 412 32.29 -2.71 -21.74
N TYR B 413 31.14 -3.10 -21.17
CA TYR B 413 29.86 -3.06 -21.88
C TYR B 413 29.45 -1.63 -22.09
N VAL B 414 29.01 -1.30 -23.32
CA VAL B 414 28.72 0.07 -23.65
C VAL B 414 27.21 0.37 -23.73
N THR B 415 26.35 -0.63 -24.01
CA THR B 415 24.91 -0.35 -24.11
C THR B 415 24.02 -1.34 -23.39
N GLY B 416 23.21 -0.85 -22.45
CA GLY B 416 22.22 -1.65 -21.77
C GLY B 416 20.89 -1.57 -22.50
N HIS B 417 20.12 -2.65 -22.52
CA HIS B 417 18.85 -2.69 -23.24
C HIS B 417 17.76 -3.33 -22.38
N ILE B 418 16.72 -2.58 -22.02
CA ILE B 418 15.62 -3.12 -21.22
C ILE B 418 14.30 -3.05 -21.95
N TRP B 419 13.59 -4.17 -22.05
CA TRP B 419 12.26 -4.17 -22.62
C TRP B 419 11.28 -4.26 -21.45
N ALA B 420 10.63 -3.15 -21.11
CA ALA B 420 9.66 -3.09 -20.02
C ALA B 420 8.36 -3.79 -20.42
N CYS B 421 8.25 -5.10 -20.12
CA CYS B 421 7.05 -5.83 -20.45
C CYS B 421 6.55 -6.67 -19.27
N PRO B 422 5.55 -6.17 -18.53
CA PRO B 422 5.02 -6.93 -17.38
C PRO B 422 4.45 -8.30 -17.76
N PRO B 423 4.44 -9.25 -16.80
CA PRO B 423 3.99 -10.61 -17.11
C PRO B 423 2.61 -10.75 -17.74
N SER B 424 2.53 -11.66 -18.73
CA SER B 424 1.33 -11.96 -19.47
C SER B 424 0.32 -12.69 -18.60
N GLU B 425 -0.97 -12.27 -18.68
CA GLU B 425 -2.13 -12.82 -17.96
C GLU B 425 -1.79 -13.09 -16.43
N GLY B 426 -1.72 -14.37 -16.02
CA GLY B 426 -1.33 -14.81 -14.69
C GLY B 426 -0.03 -15.58 -14.71
N ASP B 427 0.61 -15.71 -15.90
CA ASP B 427 1.87 -16.42 -16.14
C ASP B 427 2.99 -15.90 -15.25
N ASP B 428 3.81 -16.81 -14.71
CA ASP B 428 4.92 -16.40 -13.88
C ASP B 428 6.20 -16.49 -14.70
N TYR B 429 6.98 -15.42 -14.62
CA TYR B 429 8.21 -15.34 -15.39
C TYR B 429 9.32 -16.26 -14.86
N ILE B 430 9.63 -16.17 -13.55
CA ILE B 430 10.69 -16.94 -12.89
C ILE B 430 10.20 -17.76 -11.69
N PHE B 431 9.50 -17.13 -10.70
CA PHE B 431 9.03 -17.78 -9.47
C PHE B 431 7.70 -18.49 -9.65
N HIS B 432 7.66 -19.81 -9.35
CA HIS B 432 6.50 -20.71 -9.58
C HIS B 432 5.12 -20.17 -9.24
N CYS B 433 4.78 -19.98 -7.94
CA CYS B 433 3.42 -19.63 -7.61
C CYS B 433 3.36 -18.31 -6.90
N HIS B 434 3.01 -17.23 -7.61
CA HIS B 434 2.96 -15.90 -7.02
C HIS B 434 1.81 -15.68 -6.00
N PRO B 435 1.95 -14.71 -5.08
CA PRO B 435 0.85 -14.40 -4.15
C PRO B 435 -0.31 -13.73 -4.91
N PRO B 436 -1.57 -14.09 -4.61
CA PRO B 436 -2.70 -13.43 -5.30
C PRO B 436 -2.87 -11.95 -4.93
N ASP B 437 -2.33 -11.54 -3.77
CA ASP B 437 -2.39 -10.17 -3.30
C ASP B 437 -1.19 -9.31 -3.75
N GLN B 438 -0.17 -9.92 -4.36
CA GLN B 438 0.95 -9.14 -4.89
C GLN B 438 0.48 -8.63 -6.25
N LYS B 439 0.56 -7.32 -6.49
CA LYS B 439 0.07 -6.75 -7.75
C LYS B 439 1.05 -6.80 -8.93
N ILE B 440 0.51 -7.07 -10.12
CA ILE B 440 1.29 -7.08 -11.36
C ILE B 440 1.26 -5.67 -11.89
N PRO B 441 2.41 -4.98 -11.94
CA PRO B 441 2.42 -3.60 -12.46
C PRO B 441 1.89 -3.49 -13.88
N LYS B 442 1.21 -2.38 -14.17
CA LYS B 442 0.70 -2.11 -15.51
C LYS B 442 1.91 -1.73 -16.38
N PRO B 443 1.89 -1.98 -17.71
CA PRO B 443 3.06 -1.62 -18.54
C PRO B 443 3.56 -0.18 -18.33
N LYS B 444 2.64 0.78 -18.13
CA LYS B 444 2.94 2.19 -17.85
C LYS B 444 3.76 2.33 -16.55
N ARG B 445 3.30 1.73 -15.44
CA ARG B 445 3.96 1.75 -14.14
C ARG B 445 5.36 1.14 -14.22
N LEU B 446 5.50 0.05 -15.00
CA LEU B 446 6.78 -0.61 -15.20
C LEU B 446 7.76 0.29 -15.95
N GLN B 447 7.30 1.04 -16.97
CA GLN B 447 8.17 1.98 -17.69
C GLN B 447 8.67 3.06 -16.71
N GLU B 448 7.76 3.53 -15.82
CA GLU B 448 8.06 4.55 -14.81
C GLU B 448 9.10 4.06 -13.81
N TRP B 449 8.99 2.81 -13.41
CA TRP B 449 9.90 2.16 -12.49
C TRP B 449 11.33 2.16 -13.03
N PHE B 450 11.52 1.65 -14.25
CA PHE B 450 12.83 1.64 -14.91
C PHE B 450 13.32 3.06 -15.13
N LYS B 451 12.42 4.01 -15.41
CA LYS B 451 12.81 5.41 -15.59
C LYS B 451 13.41 5.96 -14.31
N LYS B 452 12.76 5.67 -13.17
CA LYS B 452 13.18 6.14 -11.85
C LYS B 452 14.56 5.62 -11.48
N MET B 453 14.82 4.32 -11.68
CA MET B 453 16.14 3.78 -11.38
C MET B 453 17.18 4.40 -12.31
N LEU B 454 16.85 4.59 -13.59
CA LEU B 454 17.79 5.19 -14.53
C LEU B 454 18.08 6.64 -14.20
N ASP B 455 17.15 7.35 -13.56
CA ASP B 455 17.40 8.73 -13.14
C ASP B 455 18.42 8.71 -11.99
N LYS B 456 18.30 7.75 -11.06
CA LYS B 456 19.22 7.56 -9.94
C LYS B 456 20.59 7.16 -10.46
N ALA B 457 20.63 6.27 -11.47
CA ALA B 457 21.86 5.81 -12.09
C ALA B 457 22.58 6.98 -12.80
N PHE B 458 21.80 7.88 -13.40
CA PHE B 458 22.30 9.06 -14.09
C PHE B 458 22.89 10.03 -13.08
N ALA B 459 22.17 10.28 -11.97
CA ALA B 459 22.62 11.19 -10.91
C ALA B 459 23.90 10.72 -10.23
N GLU B 460 24.07 9.39 -10.11
CA GLU B 460 25.26 8.83 -9.51
C GLU B 460 26.47 8.74 -10.47
N ARG B 461 26.35 9.32 -11.68
CA ARG B 461 27.36 9.30 -12.73
C ARG B 461 27.78 7.90 -13.14
N ILE B 462 26.86 6.93 -13.01
CA ILE B 462 27.06 5.53 -13.39
C ILE B 462 26.62 5.41 -14.88
N ILE B 463 25.44 5.97 -15.19
CA ILE B 463 24.85 6.00 -16.52
C ILE B 463 25.08 7.38 -17.13
N ASN B 464 25.68 7.42 -18.32
CA ASN B 464 25.94 8.70 -18.98
C ASN B 464 24.70 9.25 -19.68
N ASP B 465 23.78 8.37 -20.10
CA ASP B 465 22.55 8.78 -20.78
C ASP B 465 21.59 7.59 -20.95
N TYR B 466 20.32 7.87 -21.19
CA TYR B 466 19.33 6.86 -21.50
C TYR B 466 18.23 7.51 -22.30
N LYS B 467 17.76 6.79 -23.32
CA LYS B 467 16.71 7.24 -24.22
C LYS B 467 15.86 6.05 -24.64
N ASP B 468 14.66 6.32 -25.17
CA ASP B 468 13.83 5.29 -25.79
C ASP B 468 14.58 4.90 -27.09
N ILE B 469 14.36 3.69 -27.63
CA ILE B 469 15.17 3.24 -28.74
C ILE B 469 14.94 4.01 -30.08
N PHE B 470 14.23 5.19 -30.07
CA PHE B 470 14.01 6.01 -31.28
C PHE B 470 14.61 7.38 -31.12
N LYS B 471 14.53 7.94 -29.91
CA LYS B 471 15.27 9.18 -29.62
C LYS B 471 16.79 8.90 -29.66
N GLN B 472 17.22 7.60 -29.79
CA GLN B 472 18.59 7.11 -29.91
C GLN B 472 18.87 6.49 -31.30
N ALA B 473 18.02 5.55 -31.79
CA ALA B 473 18.28 4.93 -33.09
C ALA B 473 17.88 5.82 -34.27
N ASN B 474 16.62 6.30 -34.33
CA ASN B 474 16.24 7.21 -35.41
C ASN B 474 16.62 8.67 -35.03
N GLU B 475 17.87 8.77 -34.51
CA GLU B 475 18.68 9.92 -34.05
C GLU B 475 20.07 9.66 -34.61
N ASP B 476 20.63 8.43 -34.40
CA ASP B 476 21.90 7.98 -34.99
C ASP B 476 21.57 7.42 -36.40
N ARG B 477 20.60 8.07 -37.11
CA ARG B 477 19.94 7.70 -38.36
C ARG B 477 20.25 6.31 -38.86
N LEU B 478 19.64 5.34 -38.18
CA LEU B 478 19.68 3.94 -38.55
C LEU B 478 18.73 3.84 -39.74
N THR B 479 19.15 3.15 -40.80
CA THR B 479 18.34 3.02 -42.01
C THR B 479 17.87 1.60 -42.26
N SER B 480 18.62 0.60 -41.80
CA SER B 480 18.26 -0.80 -42.05
C SER B 480 18.00 -1.61 -40.80
N ALA B 481 17.28 -2.71 -40.97
CA ALA B 481 16.93 -3.63 -39.91
C ALA B 481 18.15 -4.32 -39.31
N LYS B 482 19.21 -4.52 -40.11
CA LYS B 482 20.43 -5.15 -39.60
C LYS B 482 21.18 -4.31 -38.56
N GLU B 483 20.71 -3.10 -38.30
CA GLU B 483 21.36 -2.21 -37.35
C GLU B 483 20.84 -2.33 -35.94
N LEU B 484 19.63 -2.90 -35.76
CA LEU B 484 19.02 -3.01 -34.44
C LEU B 484 19.60 -4.19 -33.74
N PRO B 485 19.89 -4.05 -32.43
CA PRO B 485 20.36 -5.20 -31.65
C PRO B 485 19.35 -6.35 -31.69
N TYR B 486 19.85 -7.57 -31.97
CA TYR B 486 19.09 -8.80 -32.13
C TYR B 486 19.30 -9.75 -30.94
N PHE B 487 18.36 -9.73 -29.97
CA PHE B 487 18.47 -10.53 -28.75
C PHE B 487 17.60 -11.78 -28.69
N GLU B 488 17.96 -12.74 -27.84
CA GLU B 488 17.19 -13.96 -27.67
C GLU B 488 15.87 -13.67 -26.97
N GLY B 489 14.76 -14.09 -27.58
CA GLY B 489 13.44 -13.90 -27.02
C GLY B 489 12.94 -12.49 -26.99
N ASP B 490 13.63 -11.57 -27.67
CA ASP B 490 13.21 -10.17 -27.71
C ASP B 490 12.15 -9.94 -28.79
N PHE B 491 11.36 -8.88 -28.60
CA PHE B 491 10.28 -8.47 -29.46
C PHE B 491 10.74 -8.16 -30.86
N TRP B 492 11.85 -7.42 -30.99
CA TRP B 492 12.37 -7.00 -32.27
C TRP B 492 12.68 -8.14 -33.24
N PRO B 493 13.44 -9.22 -32.89
CA PRO B 493 13.60 -10.32 -33.86
C PRO B 493 12.28 -10.86 -34.44
N ASN B 494 11.18 -10.80 -33.67
CA ASN B 494 9.85 -11.24 -34.10
C ASN B 494 9.17 -10.22 -34.99
N VAL B 495 9.35 -8.93 -34.68
CA VAL B 495 8.81 -7.82 -35.47
C VAL B 495 9.42 -7.83 -36.86
N LEU B 496 10.75 -7.96 -36.94
CA LEU B 496 11.47 -8.03 -38.22
C LEU B 496 11.00 -9.27 -38.98
N GLU B 497 10.79 -10.38 -38.27
CA GLU B 497 10.34 -11.63 -38.85
C GLU B 497 8.95 -11.55 -39.44
N GLU B 498 7.96 -11.02 -38.71
CA GLU B 498 6.59 -10.92 -39.23
C GLU B 498 6.45 -10.00 -40.47
N SER B 499 7.53 -9.31 -40.85
CA SER B 499 7.56 -8.55 -42.09
C SER B 499 7.96 -9.51 -43.24
N ILE B 500 7.49 -10.78 -43.19
CA ILE B 500 7.69 -11.81 -44.20
C ILE B 500 6.58 -11.59 -45.24
N LYS B 501 5.31 -11.51 -44.75
CA LYS B 501 4.11 -11.21 -45.52
C LYS B 501 4.25 -9.81 -46.16
N GLU B 502 4.82 -8.87 -45.39
CA GLU B 502 5.03 -7.48 -45.76
C GLU B 502 6.40 -7.26 -46.42
N LYS B 510 6.93 1.11 -42.55
CA LYS B 510 6.06 0.46 -41.57
C LYS B 510 6.80 0.00 -40.33
N LEU B 511 8.04 -0.49 -40.46
CA LEU B 511 8.79 -0.95 -39.28
C LEU B 511 9.17 0.23 -38.43
N TYR B 512 9.68 1.28 -39.03
CA TYR B 512 10.09 2.50 -38.35
C TYR B 512 8.86 3.14 -37.64
N ALA B 513 7.64 2.96 -38.20
CA ALA B 513 6.39 3.46 -37.61
C ALA B 513 6.00 2.58 -36.42
N THR B 514 6.00 1.23 -36.60
CA THR B 514 5.74 0.21 -35.56
C THR B 514 6.71 0.46 -34.39
N MET B 515 7.93 0.86 -34.71
CA MET B 515 8.98 1.26 -33.82
C MET B 515 8.49 2.32 -32.82
N GLU B 516 8.33 3.61 -33.22
CA GLU B 516 7.90 4.70 -32.35
C GLU B 516 6.71 4.36 -31.47
N LYS B 517 5.73 3.63 -32.03
CA LYS B 517 4.52 3.18 -31.32
C LYS B 517 4.84 2.51 -29.98
N HIS B 518 5.96 1.78 -29.90
CA HIS B 518 6.34 1.11 -28.66
C HIS B 518 7.62 1.67 -28.03
N LYS B 519 7.98 2.93 -28.31
CA LYS B 519 9.21 3.56 -27.80
C LYS B 519 9.30 3.59 -26.28
N GLU B 520 8.18 3.82 -25.58
CA GLU B 520 8.11 3.91 -24.11
C GLU B 520 8.60 2.65 -23.38
N VAL B 521 8.43 1.47 -23.98
CA VAL B 521 8.81 0.22 -23.31
C VAL B 521 10.26 -0.23 -23.65
N PHE B 522 10.83 0.20 -24.78
CA PHE B 522 12.19 -0.19 -25.15
C PHE B 522 13.23 0.83 -24.78
N PHE B 523 14.14 0.46 -23.89
CA PHE B 523 15.17 1.36 -23.41
C PHE B 523 16.52 1.12 -24.05
N VAL B 524 17.34 2.18 -24.12
CA VAL B 524 18.71 2.13 -24.58
C VAL B 524 19.50 2.89 -23.51
N ILE B 525 20.37 2.20 -22.82
CA ILE B 525 21.12 2.78 -21.70
C ILE B 525 22.54 2.95 -22.12
N HIS B 526 23.09 4.14 -21.94
CA HIS B 526 24.46 4.44 -22.32
C HIS B 526 25.41 4.39 -21.15
N LEU B 527 26.33 3.45 -21.23
CA LEU B 527 27.29 3.23 -20.16
C LEU B 527 28.56 4.08 -20.31
N HIS B 528 28.81 4.69 -21.47
CA HIS B 528 30.00 5.53 -21.67
C HIS B 528 29.70 6.77 -22.50
N PRO B 537 40.42 -2.54 -26.11
CA PRO B 537 40.29 -2.99 -24.71
C PRO B 537 39.21 -4.07 -24.56
N PRO B 538 39.49 -5.34 -24.90
CA PRO B 538 38.45 -6.38 -24.80
C PRO B 538 37.83 -6.62 -23.44
N ILE B 539 36.53 -6.97 -23.42
CA ILE B 539 35.86 -7.30 -22.17
C ILE B 539 36.39 -8.66 -21.69
N VAL B 540 36.71 -8.76 -20.41
CA VAL B 540 37.20 -10.01 -19.85
C VAL B 540 36.46 -10.27 -18.53
N ASP B 541 35.46 -11.18 -18.57
CA ASP B 541 34.64 -11.51 -17.41
C ASP B 541 35.46 -12.35 -16.45
N PRO B 542 35.71 -11.82 -15.24
CA PRO B 542 36.53 -12.57 -14.27
C PRO B 542 35.85 -13.82 -13.73
N ASP B 543 34.52 -13.81 -13.68
CA ASP B 543 33.69 -14.90 -13.17
C ASP B 543 33.64 -16.10 -14.09
N PRO B 544 33.93 -17.29 -13.53
CA PRO B 544 33.86 -18.52 -14.35
C PRO B 544 32.42 -18.94 -14.64
N LEU B 545 32.23 -19.72 -15.72
CA LEU B 545 30.90 -20.19 -16.10
C LEU B 545 30.39 -21.14 -15.04
N LEU B 546 29.19 -20.91 -14.53
CA LEU B 546 28.60 -21.79 -13.54
C LEU B 546 27.60 -22.65 -14.23
N SER B 547 27.87 -23.95 -14.26
CA SER B 547 26.95 -24.89 -14.86
C SER B 547 25.86 -25.23 -13.85
N CYS B 548 24.62 -25.15 -14.31
CA CYS B 548 23.44 -25.42 -13.50
C CYS B 548 22.28 -25.49 -14.48
N ASP B 549 21.82 -26.69 -14.80
CA ASP B 549 20.73 -26.86 -15.76
C ASP B 549 19.40 -26.25 -15.31
N LEU B 550 19.15 -26.26 -13.99
CA LEU B 550 17.96 -25.70 -13.36
C LEU B 550 17.83 -24.20 -13.68
N MET B 551 18.96 -23.48 -13.65
CA MET B 551 18.93 -22.05 -13.90
C MET B 551 19.50 -21.67 -15.29
N ASP B 552 19.43 -22.60 -16.25
CA ASP B 552 19.79 -22.37 -17.64
C ASP B 552 18.42 -22.29 -18.30
N GLY B 553 17.86 -21.10 -18.37
CA GLY B 553 16.52 -20.93 -18.89
C GLY B 553 15.54 -20.84 -17.74
N ARG B 554 14.50 -20.02 -17.91
CA ARG B 554 13.51 -19.82 -16.86
C ARG B 554 12.65 -21.07 -16.58
N ASP B 555 12.42 -21.88 -17.63
CA ASP B 555 11.57 -23.06 -17.69
C ASP B 555 11.93 -24.22 -16.75
N ALA B 556 13.23 -24.51 -16.56
CA ALA B 556 13.64 -25.62 -15.72
C ALA B 556 13.27 -25.45 -14.25
N PHE B 557 13.46 -24.25 -13.71
CA PHE B 557 13.12 -23.99 -12.32
C PHE B 557 11.60 -23.99 -12.12
N LEU B 558 10.87 -23.40 -13.08
CA LEU B 558 9.41 -23.30 -13.06
C LEU B 558 8.78 -24.67 -13.11
N THR B 559 9.31 -25.56 -13.94
CA THR B 559 8.81 -26.92 -14.06
C THR B 559 9.03 -27.74 -12.79
N LEU B 560 10.25 -27.71 -12.22
CA LEU B 560 10.60 -28.46 -11.01
C LEU B 560 9.79 -28.00 -9.79
N ALA B 561 9.68 -26.68 -9.58
CA ALA B 561 8.92 -26.14 -8.48
C ALA B 561 7.43 -26.48 -8.61
N ARG B 562 6.93 -26.61 -9.85
CA ARG B 562 5.53 -26.95 -10.13
C ARG B 562 5.22 -28.37 -9.68
N ASP B 563 6.16 -29.28 -9.86
CA ASP B 563 5.97 -30.68 -9.47
C ASP B 563 6.23 -30.87 -7.99
N LYS B 564 7.26 -30.21 -7.46
CA LYS B 564 7.58 -30.31 -6.04
C LYS B 564 6.73 -29.40 -5.13
N HIS B 565 5.85 -28.58 -5.73
CA HIS B 565 4.96 -27.65 -5.05
C HIS B 565 5.66 -26.52 -4.30
N TRP B 566 6.84 -26.12 -4.78
CA TRP B 566 7.57 -25.02 -4.17
C TRP B 566 6.94 -23.72 -4.66
N GLU B 567 5.84 -23.36 -4.01
CA GLU B 567 5.11 -22.15 -4.36
C GLU B 567 5.75 -20.98 -3.66
N PHE B 568 5.56 -19.81 -4.21
CA PHE B 568 6.05 -18.57 -3.62
C PHE B 568 4.81 -17.69 -3.29
N SER B 569 3.71 -18.32 -2.84
CA SER B 569 2.41 -17.73 -2.57
C SER B 569 2.32 -17.01 -1.25
N SER B 570 2.96 -17.56 -0.22
CA SER B 570 2.93 -16.98 1.12
C SER B 570 4.35 -16.81 1.67
N LEU B 571 4.54 -16.09 2.81
CA LEU B 571 5.89 -16.01 3.39
C LEU B 571 6.30 -17.41 3.89
N ARG B 572 5.34 -18.20 4.44
CA ARG B 572 5.67 -19.55 4.90
C ARG B 572 6.03 -20.47 3.73
N ARG B 573 5.25 -20.46 2.64
CA ARG B 573 5.57 -21.31 1.50
C ARG B 573 6.82 -20.87 0.78
N SER B 574 7.08 -19.54 0.66
CA SER B 574 8.29 -19.00 0.02
C SER B 574 9.55 -19.36 0.83
N LYS B 575 9.43 -19.39 2.18
CA LYS B 575 10.50 -19.79 3.10
C LYS B 575 10.88 -21.24 2.82
N TRP B 576 9.87 -22.10 2.56
CA TRP B 576 10.02 -23.52 2.28
C TRP B 576 10.64 -23.76 0.91
N SER B 577 10.09 -23.09 -0.10
CA SER B 577 10.51 -23.18 -1.48
C SER B 577 11.94 -22.70 -1.62
N THR B 578 12.33 -21.65 -0.88
CA THR B 578 13.71 -21.17 -0.90
C THR B 578 14.63 -22.21 -0.30
N LEU B 579 14.22 -22.83 0.79
CA LEU B 579 15.00 -23.85 1.47
C LEU B 579 15.30 -25.06 0.56
N CYS B 580 14.30 -25.48 -0.24
CA CYS B 580 14.38 -26.62 -1.17
C CYS B 580 15.10 -26.29 -2.46
N MET B 581 14.89 -25.05 -2.93
CA MET B 581 15.54 -24.49 -4.12
C MET B 581 17.04 -24.41 -3.84
N LEU B 582 17.43 -23.96 -2.64
CA LEU B 582 18.83 -23.86 -2.23
C LEU B 582 19.51 -25.20 -2.17
N VAL B 583 18.81 -26.22 -1.71
CA VAL B 583 19.35 -27.58 -1.66
C VAL B 583 19.59 -28.11 -3.09
N GLU B 584 18.70 -27.78 -4.03
CA GLU B 584 18.82 -28.18 -5.41
C GLU B 584 20.01 -27.52 -6.09
N LEU B 585 20.38 -26.30 -5.69
CA LEU B 585 21.57 -25.63 -6.27
C LEU B 585 22.85 -26.17 -5.65
N HIS B 586 22.82 -26.48 -4.36
CA HIS B 586 23.98 -27.02 -3.67
C HIS B 586 24.24 -28.49 -4.06
N THR B 587 23.21 -29.24 -4.48
CA THR B 587 23.37 -30.64 -4.87
C THR B 587 23.35 -30.87 -6.38
N GLN B 588 22.27 -30.46 -7.06
CA GLN B 588 22.14 -30.68 -8.48
C GLN B 588 22.75 -29.57 -9.30
N GLY B 589 24.02 -29.34 -9.03
CA GLY B 589 24.87 -28.42 -9.76
C GLY B 589 25.89 -29.33 -10.41
N GLN B 590 25.93 -29.31 -11.75
CA GLN B 590 26.78 -30.17 -12.59
C GLN B 590 28.29 -29.98 -12.33
N ASP B 591 28.65 -28.72 -12.03
CA ASP B 591 30.00 -28.29 -11.68
C ASP B 591 30.53 -29.02 -10.44
N ARG B 592 31.66 -29.73 -10.57
CA ARG B 592 32.26 -30.40 -9.42
C ARG B 592 33.55 -29.68 -9.05
N PHE B 593 33.66 -29.26 -7.78
CA PHE B 593 34.78 -28.50 -7.23
C PHE B 593 36.12 -29.22 -7.28
N VAL B 594 37.02 -28.75 -8.12
CA VAL B 594 38.38 -29.24 -8.25
C VAL B 594 39.26 -28.24 -7.50
N TYR B 595 40.07 -28.71 -6.55
CA TYR B 595 40.89 -27.82 -5.72
C TYR B 595 42.36 -27.70 -6.15
N THR B 596 42.84 -26.45 -6.31
CA THR B 596 44.24 -26.15 -6.64
C THR B 596 44.83 -25.18 -5.61
N CYS B 597 46.16 -25.17 -5.47
CA CYS B 597 46.85 -24.27 -4.55
C CYS B 597 46.76 -22.83 -5.10
N ASN B 598 46.28 -21.87 -4.31
CA ASN B 598 46.10 -20.49 -4.77
C ASN B 598 47.42 -19.75 -5.06
N GLU B 599 48.54 -20.28 -4.56
CA GLU B 599 49.86 -19.70 -4.70
C GLU B 599 50.70 -20.40 -5.76
N CYS B 600 50.58 -21.72 -5.85
CA CYS B 600 51.41 -22.55 -6.70
C CYS B 600 50.71 -23.09 -7.96
N LYS B 601 49.37 -23.12 -7.94
CA LYS B 601 48.47 -23.57 -9.00
C LYS B 601 48.40 -25.08 -9.20
N HIS B 602 49.19 -25.89 -8.45
CA HIS B 602 49.11 -27.34 -8.60
C HIS B 602 47.84 -27.88 -7.94
N HIS B 603 47.27 -28.93 -8.52
CA HIS B 603 46.06 -29.56 -8.01
C HIS B 603 46.38 -30.24 -6.68
N VAL B 604 45.76 -29.77 -5.59
CA VAL B 604 46.03 -30.35 -4.27
C VAL B 604 44.77 -30.95 -3.65
N GLU B 605 44.90 -32.15 -3.10
CA GLU B 605 43.75 -32.80 -2.45
C GLU B 605 43.76 -32.42 -0.98
N THR B 606 44.87 -32.68 -0.26
CA THR B 606 44.98 -32.24 1.14
C THR B 606 45.45 -30.78 1.06
N ARG B 607 44.75 -29.86 1.73
CA ARG B 607 45.13 -28.45 1.66
C ARG B 607 44.77 -27.65 2.92
N TRP B 608 45.50 -26.55 3.16
CA TRP B 608 45.28 -25.67 4.31
C TRP B 608 44.33 -24.53 3.88
N HIS B 609 43.14 -24.45 4.48
CA HIS B 609 42.16 -23.43 4.11
C HIS B 609 42.08 -22.30 5.11
N CYS B 610 42.10 -21.06 4.64
CA CYS B 610 41.99 -19.90 5.52
C CYS B 610 40.55 -19.71 6.04
N THR B 611 40.39 -19.57 7.37
CA THR B 611 39.05 -19.34 7.93
C THR B 611 38.57 -17.87 7.81
N VAL B 612 39.46 -16.95 7.43
CA VAL B 612 39.18 -15.53 7.28
C VAL B 612 38.88 -15.17 5.80
N CYS B 613 39.63 -15.76 4.86
CA CYS B 613 39.46 -15.51 3.44
C CYS B 613 38.12 -16.04 2.85
N GLU B 614 37.86 -15.69 1.58
CA GLU B 614 36.70 -16.06 0.77
C GLU B 614 36.95 -17.43 0.10
N ASP B 615 38.17 -17.63 -0.43
CA ASP B 615 38.68 -18.85 -1.06
C ASP B 615 40.20 -18.79 -1.05
N TYR B 616 40.83 -19.58 -0.19
CA TYR B 616 42.28 -19.64 -0.12
C TYR B 616 42.72 -20.97 0.43
N ASP B 617 43.40 -21.75 -0.42
CA ASP B 617 43.94 -23.07 -0.09
C ASP B 617 45.40 -23.10 -0.52
N LEU B 618 46.32 -23.36 0.41
CA LEU B 618 47.76 -23.42 0.09
C LEU B 618 48.28 -24.87 0.08
N CYS B 619 49.49 -25.11 -0.51
CA CYS B 619 50.11 -26.43 -0.47
C CYS B 619 50.41 -26.81 0.95
N ILE B 620 50.89 -28.07 1.11
CA ILE B 620 51.36 -28.61 2.37
C ILE B 620 52.43 -27.70 2.97
N ASN B 621 53.40 -27.33 2.14
CA ASN B 621 54.47 -26.41 2.52
C ASN B 621 53.96 -25.08 3.11
N CYS B 622 52.75 -24.66 2.73
CA CYS B 622 52.11 -23.39 3.08
C CYS B 622 52.84 -22.27 2.34
N HIS B 628 51.57 -16.96 5.67
CA HIS B 628 50.24 -16.37 5.73
C HIS B 628 49.91 -15.78 7.12
N THR B 629 48.91 -14.90 7.17
CA THR B 629 48.49 -14.21 8.38
C THR B 629 47.36 -14.92 9.13
N HIS B 630 46.20 -15.17 8.49
CA HIS B 630 45.03 -15.76 9.16
C HIS B 630 45.12 -17.29 9.37
N LYS B 631 44.26 -17.84 10.26
CA LYS B 631 44.20 -19.25 10.63
C LYS B 631 43.89 -20.21 9.48
N MET B 632 44.82 -21.13 9.19
CA MET B 632 44.68 -22.14 8.14
C MET B 632 44.24 -23.49 8.76
N VAL B 633 43.46 -24.30 8.03
CA VAL B 633 42.99 -25.59 8.55
C VAL B 633 43.20 -26.73 7.55
N LYS B 634 43.71 -27.89 8.03
CA LYS B 634 43.99 -29.04 7.18
C LYS B 634 42.74 -29.79 6.74
N TRP B 635 42.52 -29.88 5.41
CA TRP B 635 41.39 -30.57 4.80
C TRP B 635 41.87 -31.57 3.75
#